data_7R6S
#
_entry.id   7R6S
#
_cell.length_a   52.436
_cell.length_b   90.670
_cell.length_c   72.067
_cell.angle_alpha   90.000
_cell.angle_beta   103.990
_cell.angle_gamma   90.000
#
_symmetry.space_group_name_H-M   'P 1 21 1'
#
loop_
_entity.id
_entity.type
_entity.pdbx_description
1 polymer 'Putative bacteriophage protein'
2 non-polymer 'SULFATE ION'
3 water water
#
_entity_poly.entity_id   1
_entity_poly.type   'polypeptide(L)'
_entity_poly.pdbx_seq_one_letter_code
;SNA(MSE)STDRESQLLRQATKAGIDSPLELANF(MSE)AQAGHESRGLSRLNESFNFTRGISQIPVEAAWRNGNAALES
ARQEALRGRPENLAEL(MSE)YGGR(MSE)GNDAPGDALKYHGRGYLPLVGKENYERAGKALDLDLVNQPELAAQPEHAG
RIAVWQWQTRVPEGARHDVREATYALNGALNGIEARRQRFEVWQQKLTPDV(MSE)ARLDRGEVGAPAQTVARD(MSE)S
HAGEPGNALFEDARQHLRQ(MSE)GPQSGLRSAQELDNTAGALALGAQKAGLSRIDHLLAGNDGRTLFAVQGALGDPA
(MSE)LRASVDREQASQQSLAQSSQQLAASVAQQDPTAALAREQEQRSRSL
;
_entity_poly.pdbx_strand_id   A,B
#
loop_
_chem_comp.id
_chem_comp.type
_chem_comp.name
_chem_comp.formula
SO4 non-polymer 'SULFATE ION' 'O4 S -2'
#
# COMPACT_ATOMS: atom_id res chain seq x y z
N MSE A 4 -4.65 34.30 -9.90
CA MSE A 4 -4.18 33.24 -8.96
C MSE A 4 -3.27 32.28 -9.74
O MSE A 4 -2.25 32.70 -10.28
CB MSE A 4 -5.37 32.56 -8.29
CG MSE A 4 -6.44 32.03 -9.26
SE MSE A 4 -7.77 30.90 -8.34
CE MSE A 4 -6.93 29.34 -7.48
N SER A 5 -3.65 30.99 -9.77
CA SER A 5 -2.88 30.02 -10.53
C SER A 5 -2.86 30.44 -12.01
N THR A 6 -3.98 30.99 -12.50
CA THR A 6 -4.10 31.46 -13.91
C THR A 6 -2.99 32.49 -14.19
N ASP A 7 -2.80 33.48 -13.30
CA ASP A 7 -1.77 34.54 -13.50
C ASP A 7 -0.36 33.93 -13.59
N ARG A 8 0.01 33.04 -12.66
CA ARG A 8 1.36 32.42 -12.72
C ARG A 8 1.42 31.46 -13.92
N GLU A 9 0.33 30.76 -14.25
CA GLU A 9 0.37 29.83 -15.40
C GLU A 9 0.53 30.61 -16.71
N SER A 10 -0.18 31.74 -16.83
CA SER A 10 -0.08 32.58 -18.05
C SER A 10 1.35 33.11 -18.16
N GLN A 11 1.92 33.54 -17.03
CA GLN A 11 3.31 34.08 -17.02
C GLN A 11 4.28 32.99 -17.51
N LEU A 12 4.12 31.77 -17.01
CA LEU A 12 5.04 30.66 -17.38
C LEU A 12 4.82 30.27 -18.85
N LEU A 13 3.57 30.19 -19.30
CA LEU A 13 3.30 29.90 -20.73
C LEU A 13 3.98 30.96 -21.62
N ARG A 14 3.95 32.22 -21.21
CA ARG A 14 4.58 33.28 -22.06
C ARG A 14 6.10 33.12 -22.03
N GLN A 15 6.66 32.83 -20.86
CA GLN A 15 8.14 32.69 -20.73
C GLN A 15 8.61 31.50 -21.57
N ALA A 16 7.86 30.41 -21.53
CA ALA A 16 8.22 29.17 -22.25
C ALA A 16 8.20 29.42 -23.76
N THR A 17 7.12 30.02 -24.27
CA THR A 17 6.99 30.28 -25.72
C THR A 17 8.03 31.33 -26.15
N LYS A 18 8.28 32.32 -25.29
CA LYS A 18 9.30 33.36 -25.60
C LYS A 18 10.69 32.68 -25.73
N ALA A 19 10.90 31.57 -25.01
CA ALA A 19 12.18 30.84 -25.08
C ALA A 19 12.19 29.84 -26.23
N GLY A 20 11.15 29.78 -27.05
CA GLY A 20 11.22 28.88 -28.22
C GLY A 20 10.52 27.53 -28.00
N ILE A 21 9.87 27.31 -26.85
CA ILE A 21 9.07 26.07 -26.66
C ILE A 21 7.75 26.35 -27.40
N ASP A 22 7.73 26.08 -28.72
CA ASP A 22 6.62 26.46 -29.64
C ASP A 22 5.71 25.27 -30.00
N SER A 23 6.17 24.05 -29.80
CA SER A 23 5.34 22.85 -30.10
C SER A 23 4.27 22.68 -29.03
N PRO A 24 2.96 22.63 -29.37
CA PRO A 24 1.92 22.42 -28.38
C PRO A 24 2.18 21.15 -27.54
N LEU A 25 2.72 20.12 -28.18
CA LEU A 25 3.00 18.82 -27.50
C LEU A 25 4.14 19.01 -26.50
N GLU A 26 5.21 19.68 -26.91
CA GLU A 26 6.35 19.93 -26.00
C GLU A 26 5.91 20.88 -24.89
N LEU A 27 5.13 21.91 -25.23
CA LEU A 27 4.71 22.88 -24.18
C LEU A 27 3.79 22.19 -23.17
N ALA A 28 2.89 21.31 -23.63
CA ALA A 28 1.98 20.62 -22.68
C ALA A 28 2.81 19.77 -21.70
N ASN A 29 3.84 19.09 -22.24
CA ASN A 29 4.75 18.21 -21.46
C ASN A 29 5.48 19.05 -20.42
N PHE A 30 6.08 20.17 -20.88
CA PHE A 30 6.80 21.10 -19.98
C PHE A 30 5.86 21.58 -18.87
N MSE A 31 4.63 21.94 -19.24
CA MSE A 31 3.68 22.48 -18.27
C MSE A 31 3.22 21.38 -17.31
O MSE A 31 2.95 21.68 -16.14
CB MSE A 31 2.49 23.15 -18.96
CG MSE A 31 2.82 24.41 -19.74
SE MSE A 31 3.54 25.86 -18.63
CE MSE A 31 2.00 26.32 -17.53
N ALA A 32 3.14 20.13 -17.78
CA ALA A 32 2.70 19.02 -16.94
C ALA A 32 3.76 18.70 -15.88
N GLN A 33 5.04 18.68 -16.27
CA GLN A 33 6.14 18.39 -15.31
C GLN A 33 6.17 19.52 -14.27
N ALA A 34 6.17 20.77 -14.73
CA ALA A 34 6.22 21.94 -13.82
C ALA A 34 5.01 21.94 -12.89
N GLY A 35 3.81 21.71 -13.44
CA GLY A 35 2.56 21.69 -12.65
C GLY A 35 2.57 20.60 -11.58
N HIS A 36 3.11 19.44 -11.92
CA HIS A 36 3.16 18.33 -10.93
C HIS A 36 4.20 18.63 -9.85
N GLU A 37 5.39 19.07 -10.23
CA GLU A 37 6.47 19.28 -9.24
C GLU A 37 6.19 20.48 -8.34
N SER A 38 5.24 21.35 -8.70
CA SER A 38 4.97 22.57 -7.90
C SER A 38 3.48 22.68 -7.53
N ARG A 39 2.72 21.59 -7.68
CA ARG A 39 1.25 21.55 -7.41
C ARG A 39 0.56 22.72 -8.11
N GLY A 40 0.61 22.76 -9.43
CA GLY A 40 -0.07 23.83 -10.21
C GLY A 40 0.56 25.19 -10.02
N LEU A 41 1.89 25.22 -9.82
CA LEU A 41 2.67 26.48 -9.64
C LEU A 41 2.29 27.20 -8.33
N SER A 42 1.82 26.48 -7.30
CA SER A 42 1.44 27.11 -6.02
C SER A 42 2.50 26.83 -4.94
N ARG A 43 3.35 25.81 -5.15
CA ARG A 43 4.40 25.46 -4.15
C ARG A 43 5.77 25.73 -4.79
N LEU A 44 6.39 26.86 -4.49
CA LEU A 44 7.70 27.23 -5.09
C LEU A 44 8.87 26.89 -4.14
N ASN A 45 8.58 26.31 -2.98
CA ASN A 45 9.64 25.89 -2.01
C ASN A 45 9.43 24.43 -1.63
N GLU A 46 10.53 23.72 -1.45
CA GLU A 46 10.50 22.28 -1.09
C GLU A 46 9.82 22.11 0.28
N SER A 47 8.98 21.09 0.40
CA SER A 47 8.38 20.75 1.72
C SER A 47 9.24 19.66 2.37
N PHE A 48 9.61 19.85 3.64
CA PHE A 48 10.37 18.79 4.38
C PHE A 48 9.41 18.11 5.36
N ASN A 49 8.11 18.19 5.07
CA ASN A 49 7.04 17.59 5.91
C ASN A 49 6.58 16.28 5.28
N PHE A 50 6.81 15.16 5.98
CA PHE A 50 6.38 13.80 5.56
C PHE A 50 5.54 13.25 6.71
N THR A 51 4.20 13.24 6.55
CA THR A 51 3.26 12.85 7.64
C THR A 51 3.06 11.34 7.76
N ARG A 52 3.13 10.55 6.67
CA ARG A 52 2.87 9.09 6.81
C ARG A 52 4.11 8.37 7.39
N GLY A 53 5.25 8.49 6.73
CA GLY A 53 6.44 7.81 7.26
C GLY A 53 7.69 8.12 6.46
N ILE A 54 8.82 7.53 6.89
CA ILE A 54 10.13 7.73 6.23
C ILE A 54 10.12 7.04 4.87
N SER A 55 9.18 6.11 4.62
CA SER A 55 9.14 5.44 3.30
C SER A 55 8.84 6.46 2.20
N GLN A 56 8.19 7.57 2.56
CA GLN A 56 7.88 8.68 1.61
C GLN A 56 9.16 9.42 1.20
N ILE A 57 10.18 9.45 2.07
CA ILE A 57 11.43 10.20 1.75
C ILE A 57 12.08 9.56 0.51
N PRO A 58 12.15 10.29 -0.62
CA PRO A 58 12.64 9.73 -1.89
C PRO A 58 14.15 9.74 -2.14
N VAL A 59 14.96 9.97 -1.10
CA VAL A 59 16.44 9.95 -1.27
C VAL A 59 16.98 8.77 -0.48
N GLU A 60 17.54 7.77 -1.18
CA GLU A 60 18.11 6.55 -0.58
C GLU A 60 19.19 6.90 0.45
N ALA A 61 20.00 7.92 0.13
CA ALA A 61 21.14 8.33 0.98
C ALA A 61 20.68 8.76 2.39
N ALA A 62 19.41 9.18 2.53
CA ALA A 62 18.86 9.66 3.82
C ALA A 62 18.85 8.54 4.88
N TRP A 63 19.03 7.28 4.47
CA TRP A 63 19.07 6.13 5.41
C TRP A 63 20.51 5.80 5.85
N ARG A 64 21.50 6.61 5.46
CA ARG A 64 22.90 6.20 5.74
C ARG A 64 23.22 6.20 7.25
N ASN A 65 22.47 6.91 8.09
CA ASN A 65 22.75 6.89 9.56
C ASN A 65 21.78 5.97 10.29
N GLY A 66 21.05 5.12 9.57
CA GLY A 66 20.10 4.19 10.21
C GLY A 66 18.67 4.71 10.13
N ASN A 67 17.70 3.81 10.36
CA ASN A 67 16.25 4.14 10.26
C ASN A 67 15.85 5.10 11.39
N ALA A 68 16.49 5.02 12.56
CA ALA A 68 16.08 5.85 13.72
C ALA A 68 16.51 7.31 13.57
N ALA A 69 17.73 7.58 13.06
CA ALA A 69 18.17 8.97 12.90
C ALA A 69 17.26 9.67 11.88
N LEU A 70 16.81 8.93 10.87
CA LEU A 70 15.95 9.51 9.81
C LEU A 70 14.58 9.83 10.42
N GLU A 71 14.08 8.97 11.30
CA GLU A 71 12.77 9.21 11.95
C GLU A 71 12.87 10.45 12.86
N SER A 72 13.99 10.60 13.58
CA SER A 72 14.19 11.80 14.45
C SER A 72 14.24 13.08 13.61
N ALA A 73 14.95 13.05 12.48
CA ALA A 73 15.04 14.24 11.58
C ALA A 73 13.64 14.54 11.00
N ARG A 74 12.85 13.50 10.73
CA ARG A 74 11.48 13.70 10.18
C ARG A 74 10.64 14.47 11.19
N GLN A 75 10.67 14.04 12.47
CA GLN A 75 9.88 14.70 13.55
C GLN A 75 10.36 16.14 13.72
N GLU A 76 11.69 16.37 13.67
CA GLU A 76 12.24 17.75 13.80
C GLU A 76 11.74 18.63 12.64
N ALA A 77 11.73 18.09 11.42
CA ALA A 77 11.25 18.87 10.25
C ALA A 77 9.77 19.26 10.47
N LEU A 78 8.96 18.33 10.95
CA LEU A 78 7.52 18.63 11.23
C LEU A 78 7.38 19.75 12.27
N ARG A 79 8.38 19.93 13.14
CA ARG A 79 8.35 21.01 14.14
C ARG A 79 9.02 22.29 13.61
N GLY A 80 9.30 22.37 12.30
CA GLY A 80 9.89 23.59 11.71
C GLY A 80 11.40 23.65 11.81
N ARG A 81 12.06 22.53 12.11
CA ARG A 81 13.54 22.46 12.15
C ARG A 81 14.00 21.37 11.18
N PRO A 82 13.93 21.63 9.86
CA PRO A 82 14.28 20.62 8.86
C PRO A 82 15.77 20.49 8.53
N GLU A 83 16.64 21.15 9.30
CA GLU A 83 18.09 21.12 8.98
C GLU A 83 18.61 19.68 8.96
N ASN A 84 18.34 18.91 10.01
CA ASN A 84 18.85 17.51 10.09
C ASN A 84 18.30 16.66 8.93
N LEU A 85 17.03 16.83 8.57
CA LEU A 85 16.47 16.03 7.43
C LEU A 85 17.12 16.49 6.12
N ALA A 86 17.24 17.81 5.92
CA ALA A 86 17.90 18.33 4.71
C ALA A 86 19.33 17.79 4.60
N GLU A 87 20.06 17.71 5.73
CA GLU A 87 21.47 17.22 5.71
C GLU A 87 21.48 15.76 5.29
N LEU A 88 20.50 14.99 5.75
CA LEU A 88 20.42 13.55 5.37
C LEU A 88 20.06 13.43 3.90
N MSE A 89 19.14 14.27 3.43
CA MSE A 89 18.68 14.16 2.05
C MSE A 89 19.68 14.69 1.03
O MSE A 89 19.90 14.05 0.00
CB MSE A 89 17.32 14.86 1.92
CG MSE A 89 16.22 14.17 2.69
SE MSE A 89 14.52 15.08 2.48
CE MSE A 89 14.16 14.97 0.55
N TYR A 90 20.32 15.84 1.31
CA TYR A 90 21.17 16.48 0.31
C TYR A 90 22.57 16.85 0.82
N GLY A 91 22.86 16.66 2.12
CA GLY A 91 24.20 17.04 2.62
C GLY A 91 25.31 16.21 1.98
N GLY A 92 26.44 16.85 1.65
CA GLY A 92 27.58 16.15 1.03
C GLY A 92 27.32 15.72 -0.39
N ARG A 93 26.27 16.25 -1.02
CA ARG A 93 25.94 15.91 -2.43
C ARG A 93 25.65 17.21 -3.18
N MSE A 94 25.83 17.18 -4.50
CA MSE A 94 25.52 18.31 -5.36
C MSE A 94 26.17 19.60 -4.88
O MSE A 94 25.58 20.67 -4.99
CB MSE A 94 24.00 18.46 -5.44
CG MSE A 94 23.30 17.30 -6.14
SE MSE A 94 21.35 17.46 -5.98
CE MSE A 94 21.04 17.69 -4.07
N GLY A 95 27.40 19.51 -4.33
CA GLY A 95 28.15 20.68 -3.88
C GLY A 95 27.84 21.11 -2.45
N ASN A 96 26.91 20.45 -1.76
CA ASN A 96 26.56 20.85 -0.37
C ASN A 96 27.66 20.35 0.59
N ASP A 97 28.79 21.06 0.63
CA ASP A 97 29.95 20.67 1.47
C ASP A 97 29.80 21.25 2.88
N ALA A 98 29.60 22.57 3.00
CA ALA A 98 29.49 23.22 4.33
C ALA A 98 28.17 22.88 5.02
N PRO A 99 28.12 22.99 6.37
CA PRO A 99 26.89 22.73 7.12
C PRO A 99 25.91 23.88 6.85
N GLY A 100 24.65 23.54 6.57
CA GLY A 100 23.65 24.57 6.26
C GLY A 100 23.40 24.64 4.77
N ASP A 101 24.35 24.16 3.96
CA ASP A 101 24.19 24.19 2.48
C ASP A 101 22.98 23.36 2.04
N ALA A 102 22.81 22.16 2.60
CA ALA A 102 21.69 21.27 2.19
C ALA A 102 20.37 22.02 2.32
N LEU A 103 20.12 22.69 3.44
CA LEU A 103 18.85 23.45 3.62
C LEU A 103 18.89 24.76 2.83
N LYS A 104 20.02 25.49 2.84
CA LYS A 104 20.10 26.77 2.09
C LYS A 104 19.76 26.55 0.61
N TYR A 105 20.19 25.41 0.04
CA TYR A 105 19.94 25.14 -1.40
C TYR A 105 18.85 24.09 -1.57
N HIS A 106 17.83 24.15 -0.73
CA HIS A 106 16.71 23.20 -0.85
C HIS A 106 15.99 23.51 -2.17
N GLY A 107 15.12 22.62 -2.60
CA GLY A 107 14.41 22.81 -3.88
C GLY A 107 13.63 24.10 -3.90
N ARG A 108 13.74 24.81 -5.02
CA ARG A 108 13.01 26.08 -5.24
C ARG A 108 12.59 26.15 -6.72
N GLY A 109 11.37 26.59 -6.98
CA GLY A 109 10.92 26.82 -8.36
C GLY A 109 9.86 25.85 -8.81
N TYR A 110 9.63 25.84 -10.12
CA TYR A 110 8.62 24.97 -10.77
C TYR A 110 9.25 23.61 -11.06
N LEU A 111 10.46 23.60 -11.63
CA LEU A 111 11.29 22.37 -11.80
C LEU A 111 12.35 22.58 -10.73
N PRO A 112 12.12 22.07 -9.51
CA PRO A 112 12.95 22.43 -8.36
C PRO A 112 14.46 22.41 -8.60
N LEU A 113 15.09 23.54 -8.29
CA LEU A 113 16.56 23.70 -8.34
C LEU A 113 17.05 23.31 -6.94
N VAL A 114 17.96 22.35 -6.84
N VAL A 114 17.93 22.31 -6.87
CA VAL A 114 18.42 21.89 -5.50
CA VAL A 114 18.43 21.72 -5.59
C VAL A 114 19.92 21.58 -5.58
C VAL A 114 19.96 21.61 -5.62
N GLY A 115 20.63 21.91 -4.49
CA GLY A 115 22.08 21.71 -4.40
C GLY A 115 22.86 22.95 -4.80
N LYS A 116 23.91 23.24 -4.05
CA LYS A 116 24.74 24.45 -4.29
C LYS A 116 25.26 24.47 -5.73
N GLU A 117 25.74 23.34 -6.25
CA GLU A 117 26.34 23.33 -7.61
C GLU A 117 25.28 23.66 -8.68
N ASN A 118 24.02 23.30 -8.46
CA ASN A 118 22.97 23.62 -9.47
C ASN A 118 22.61 25.09 -9.37
N TYR A 119 22.69 25.67 -8.18
CA TYR A 119 22.43 27.13 -8.01
C TYR A 119 23.57 27.89 -8.70
N GLU A 120 24.80 27.36 -8.59
CA GLU A 120 25.99 27.96 -9.23
C GLU A 120 25.82 27.94 -10.76
N ARG A 121 25.54 26.76 -11.32
CA ARG A 121 25.38 26.60 -12.79
C ARG A 121 24.22 27.46 -13.31
N ALA A 122 23.06 27.42 -12.64
CA ALA A 122 21.91 28.20 -13.14
C ALA A 122 22.19 29.70 -13.03
N GLY A 123 22.86 30.12 -11.94
CA GLY A 123 23.18 31.55 -11.76
C GLY A 123 24.05 32.06 -12.89
N LYS A 124 25.15 31.35 -13.15
CA LYS A 124 26.10 31.70 -14.22
C LYS A 124 25.33 31.78 -15.55
N ALA A 125 24.57 30.73 -15.88
CA ALA A 125 23.87 30.67 -17.20
C ALA A 125 22.81 31.75 -17.35
N LEU A 126 22.14 32.17 -16.27
CA LEU A 126 21.03 33.14 -16.37
C LEU A 126 21.41 34.53 -15.80
N ASP A 127 22.66 34.75 -15.40
CA ASP A 127 23.09 36.08 -14.87
C ASP A 127 22.26 36.44 -13.63
N LEU A 128 22.09 35.46 -12.73
CA LEU A 128 21.36 35.63 -11.46
C LEU A 128 22.33 35.27 -10.33
N ASP A 129 22.26 36.00 -9.23
CA ASP A 129 23.14 35.73 -8.05
C ASP A 129 22.47 34.65 -7.19
N LEU A 130 22.28 33.45 -7.75
CA LEU A 130 21.57 32.34 -7.06
C LEU A 130 22.42 31.75 -5.92
N VAL A 131 23.75 31.71 -6.05
CA VAL A 131 24.56 31.15 -4.93
C VAL A 131 24.37 31.97 -3.65
N ASN A 132 24.36 33.31 -3.74
CA ASN A 132 24.25 34.21 -2.55
C ASN A 132 22.81 34.55 -2.20
N GLN A 133 21.91 34.57 -3.20
CA GLN A 133 20.47 34.88 -2.95
C GLN A 133 19.65 33.74 -3.53
N PRO A 134 19.74 32.53 -2.94
CA PRO A 134 19.02 31.36 -3.47
C PRO A 134 17.51 31.59 -3.49
N GLU A 135 17.02 32.46 -2.59
CA GLU A 135 15.58 32.78 -2.54
C GLU A 135 15.08 33.26 -3.91
N LEU A 136 15.96 33.85 -4.72
CA LEU A 136 15.53 34.35 -6.07
C LEU A 136 14.90 33.22 -6.87
N ALA A 137 15.36 31.99 -6.65
CA ALA A 137 14.89 30.82 -7.44
C ALA A 137 13.43 30.48 -7.10
N ALA A 138 12.88 30.99 -6.00
CA ALA A 138 11.47 30.73 -5.63
C ALA A 138 10.58 31.91 -6.04
N GLN A 139 11.15 32.95 -6.68
CA GLN A 139 10.32 34.10 -7.14
C GLN A 139 9.73 33.70 -8.50
N PRO A 140 8.40 33.79 -8.70
CA PRO A 140 7.76 33.31 -9.94
C PRO A 140 8.45 33.65 -11.26
N GLU A 141 8.85 34.92 -11.44
CA GLU A 141 9.54 35.37 -12.69
C GLU A 141 10.83 34.57 -12.91
N HIS A 142 11.73 34.57 -11.93
CA HIS A 142 13.02 33.86 -12.08
C HIS A 142 12.74 32.35 -12.19
N ALA A 143 11.78 31.86 -11.40
CA ALA A 143 11.41 30.42 -11.40
C ALA A 143 11.08 29.98 -12.82
N GLY A 144 10.37 30.82 -13.58
CA GLY A 144 10.00 30.47 -14.95
C GLY A 144 11.21 30.33 -15.84
N ARG A 145 12.12 31.31 -15.77
CA ARG A 145 13.37 31.30 -16.58
C ARG A 145 14.20 30.08 -16.20
N ILE A 146 14.28 29.78 -14.91
CA ILE A 146 15.06 28.62 -14.41
C ILE A 146 14.41 27.31 -14.88
N ALA A 147 13.08 27.23 -14.90
CA ALA A 147 12.41 25.97 -15.34
C ALA A 147 12.67 25.74 -16.83
N VAL A 148 12.57 26.80 -17.63
CA VAL A 148 12.83 26.68 -19.10
C VAL A 148 14.28 26.26 -19.31
N TRP A 149 15.20 26.83 -18.54
CA TRP A 149 16.64 26.47 -18.65
C TRP A 149 16.84 24.98 -18.27
N GLN A 150 16.24 24.53 -17.15
CA GLN A 150 16.33 23.11 -16.73
C GLN A 150 15.86 22.22 -17.90
N TRP A 151 14.71 22.58 -18.47
CA TRP A 151 14.08 21.82 -19.57
C TRP A 151 14.96 21.80 -20.82
N GLN A 152 15.39 22.97 -21.30
CA GLN A 152 16.18 23.06 -22.56
C GLN A 152 17.59 22.47 -22.38
N THR A 153 18.12 22.39 -21.15
CA THR A 153 19.49 21.85 -20.98
C THR A 153 19.46 20.39 -20.50
N ARG A 154 18.41 19.94 -19.81
CA ARG A 154 18.41 18.54 -19.28
C ARG A 154 17.55 17.58 -20.10
N VAL A 155 16.68 18.07 -20.99
CA VAL A 155 15.81 17.12 -21.76
C VAL A 155 16.23 17.11 -23.23
N PRO A 156 16.82 16.00 -23.74
CA PRO A 156 17.21 15.94 -25.15
C PRO A 156 15.98 16.09 -26.06
N GLU A 157 16.17 16.59 -27.27
CA GLU A 157 15.05 16.79 -28.25
C GLU A 157 14.14 15.57 -28.33
N GLY A 158 14.72 14.37 -28.40
CA GLY A 158 13.96 13.11 -28.55
C GLY A 158 13.02 12.79 -27.41
N ALA A 159 13.17 13.45 -26.25
CA ALA A 159 12.30 13.13 -25.10
C ALA A 159 11.34 14.29 -24.79
N ARG A 160 11.32 15.32 -25.63
CA ARG A 160 10.49 16.54 -25.38
C ARG A 160 8.98 16.24 -25.52
N HIS A 161 8.60 15.20 -26.28
CA HIS A 161 7.16 14.92 -26.56
C HIS A 161 6.58 13.77 -25.72
N ASP A 162 7.40 13.13 -24.88
CA ASP A 162 6.93 11.96 -24.08
C ASP A 162 7.02 12.30 -22.59
N VAL A 163 5.89 12.19 -21.86
CA VAL A 163 5.84 12.51 -20.40
C VAL A 163 6.80 11.60 -19.63
N ARG A 164 6.79 10.31 -19.94
CA ARG A 164 7.62 9.29 -19.25
C ARG A 164 9.11 9.59 -19.46
N GLU A 165 9.55 9.78 -20.72
CA GLU A 165 10.98 10.02 -21.01
C GLU A 165 11.44 11.37 -20.43
N ALA A 166 10.60 12.40 -20.54
CA ALA A 166 10.98 13.75 -20.04
C ALA A 166 11.18 13.67 -18.54
N THR A 167 10.24 13.02 -17.84
CA THR A 167 10.32 12.85 -16.37
C THR A 167 11.62 12.15 -16.01
N TYR A 168 12.04 11.17 -16.82
CA TYR A 168 13.28 10.41 -16.51
C TYR A 168 14.50 11.30 -16.77
N ALA A 169 14.51 12.05 -17.87
CA ALA A 169 15.67 12.91 -18.20
C ALA A 169 15.82 13.99 -17.12
N LEU A 170 14.70 14.42 -16.52
CA LEU A 170 14.71 15.47 -15.47
C LEU A 170 15.11 14.91 -14.10
N ASN A 171 14.54 13.78 -13.69
CA ASN A 171 14.69 13.30 -12.30
C ASN A 171 15.44 11.96 -12.20
N GLY A 172 15.80 11.33 -13.32
CA GLY A 172 16.51 10.04 -13.28
C GLY A 172 15.68 8.98 -12.58
N ALA A 173 14.36 9.17 -12.53
CA ALA A 173 13.42 8.22 -11.90
C ALA A 173 11.99 8.59 -12.34
N LEU A 174 11.04 7.66 -12.19
CA LEU A 174 9.64 7.92 -12.64
C LEU A 174 8.70 7.97 -11.42
N ASN A 175 8.55 9.17 -10.87
CA ASN A 175 7.67 9.43 -9.69
C ASN A 175 6.42 10.18 -10.18
N GLY A 176 5.25 9.84 -9.64
CA GLY A 176 3.97 10.49 -9.97
C GLY A 176 3.67 10.52 -11.46
N ILE A 177 3.91 9.42 -12.19
CA ILE A 177 3.66 9.40 -13.66
C ILE A 177 2.16 9.56 -13.94
N GLU A 178 1.30 8.95 -13.12
CA GLU A 178 -0.16 9.06 -13.32
C GLU A 178 -0.58 10.54 -13.27
N ALA A 179 -0.20 11.24 -12.19
CA ALA A 179 -0.58 12.66 -12.00
C ALA A 179 0.01 13.52 -13.14
N ARG A 180 1.25 13.26 -13.57
CA ARG A 180 1.86 14.01 -14.69
C ARG A 180 1.09 13.74 -15.99
N ARG A 181 0.72 12.48 -16.24
CA ARG A 181 -0.03 12.12 -17.48
C ARG A 181 -1.35 12.88 -17.50
N GLN A 182 -2.06 12.92 -16.37
CA GLN A 182 -3.37 13.63 -16.26
C GLN A 182 -3.18 15.13 -16.55
N ARG A 183 -2.11 15.75 -16.03
CA ARG A 183 -1.84 17.19 -16.29
C ARG A 183 -1.51 17.37 -17.77
N PHE A 184 -0.73 16.45 -18.34
CA PHE A 184 -0.35 16.48 -19.77
C PHE A 184 -1.58 16.48 -20.67
N GLU A 185 -2.56 15.61 -20.38
CA GLU A 185 -3.78 15.53 -21.24
C GLU A 185 -4.59 16.82 -21.09
N VAL A 186 -4.64 17.41 -19.89
CA VAL A 186 -5.39 18.69 -19.69
C VAL A 186 -4.72 19.80 -20.52
N TRP A 187 -3.38 19.88 -20.49
CA TRP A 187 -2.67 20.93 -21.28
C TRP A 187 -2.84 20.68 -22.78
N GLN A 188 -2.80 19.43 -23.24
CA GLN A 188 -3.03 19.15 -24.68
C GLN A 188 -4.41 19.67 -25.10
N GLN A 189 -5.41 19.59 -24.22
CA GLN A 189 -6.78 20.07 -24.55
C GLN A 189 -6.81 21.60 -24.55
N LYS A 190 -6.07 22.24 -23.65
CA LYS A 190 -6.08 23.71 -23.51
C LYS A 190 -5.27 24.41 -24.61
N LEU A 191 -4.14 23.82 -25.03
CA LEU A 191 -3.23 24.49 -26.01
C LEU A 191 -3.72 24.32 -27.45
N THR A 192 -4.86 24.94 -27.72
CA THR A 192 -5.48 24.97 -29.07
C THR A 192 -4.66 25.89 -29.98
N PRO A 193 -4.84 25.80 -31.32
CA PRO A 193 -4.13 26.69 -32.23
C PRO A 193 -4.27 28.18 -31.89
N ASP A 194 -5.49 28.64 -31.58
CA ASP A 194 -5.67 30.08 -31.26
C ASP A 194 -4.96 30.42 -29.94
N VAL A 195 -4.94 29.51 -28.96
CA VAL A 195 -4.22 29.82 -27.69
C VAL A 195 -2.73 29.98 -27.98
N MSE A 196 -2.19 29.11 -28.85
CA MSE A 196 -0.79 29.16 -29.21
C MSE A 196 -0.50 30.45 -30.00
O MSE A 196 0.54 31.08 -29.81
CB MSE A 196 -0.39 27.92 -30.02
CG MSE A 196 -0.54 26.60 -29.26
SE MSE A 196 0.69 26.48 -27.72
CE MSE A 196 2.43 26.44 -28.64
N ALA A 197 -1.42 30.83 -30.89
CA ALA A 197 -1.24 32.04 -31.68
C ALA A 197 -1.19 33.27 -30.75
N ARG A 198 -2.06 33.31 -29.73
CA ARG A 198 -2.09 34.46 -28.79
C ARG A 198 -0.80 34.48 -27.95
N LEU A 199 -0.23 33.31 -27.63
CA LEU A 199 1.06 33.25 -26.87
C LEU A 199 2.18 33.78 -27.78
N ASP A 200 2.14 33.44 -29.07
CA ASP A 200 3.16 33.91 -30.05
C ASP A 200 3.08 35.46 -30.15
N ARG A 201 1.88 36.01 -30.05
CA ARG A 201 1.61 37.48 -30.10
C ARG A 201 1.96 38.13 -28.76
N GLY A 202 2.20 37.34 -27.71
CA GLY A 202 2.58 37.84 -26.37
C GLY A 202 1.40 38.40 -25.58
N GLU A 203 0.17 37.95 -25.84
CA GLU A 203 -1.02 38.47 -25.11
C GLU A 203 -1.02 37.97 -23.65
N VAL A 204 -1.43 38.85 -22.72
CA VAL A 204 -1.47 38.56 -21.25
C VAL A 204 -2.48 37.44 -20.94
N GLY A 205 -3.72 37.55 -21.44
CA GLY A 205 -4.75 36.53 -21.18
C GLY A 205 -4.93 35.55 -22.33
N ALA A 206 -3.84 35.30 -23.08
CA ALA A 206 -3.83 34.41 -24.26
C ALA A 206 -4.53 33.07 -23.97
N PRO A 207 -4.25 32.40 -22.82
CA PRO A 207 -4.90 31.12 -22.51
C PRO A 207 -6.41 31.22 -22.23
N ALA A 208 -7.16 31.91 -23.09
CA ALA A 208 -8.63 32.05 -22.93
C ALA A 208 -9.29 30.71 -23.30
N GLN A 209 -10.19 30.20 -22.45
CA GLN A 209 -10.84 28.89 -22.72
C GLN A 209 -11.92 29.08 -23.80
N THR A 210 -12.75 30.12 -23.67
CA THR A 210 -13.83 30.45 -24.65
C THR A 210 -14.95 29.40 -24.59
N VAL A 211 -16.17 29.79 -24.98
CA VAL A 211 -17.35 28.87 -24.98
C VAL A 211 -17.19 27.83 -26.11
N ALA A 212 -17.29 26.55 -25.76
CA ALA A 212 -17.18 25.45 -26.74
C ALA A 212 -18.58 24.88 -27.01
N ARG A 213 -18.76 24.20 -28.15
CA ARG A 213 -20.07 23.58 -28.47
C ARG A 213 -20.24 22.36 -27.55
N ASP A 214 -21.46 22.15 -27.06
CA ASP A 214 -21.73 21.00 -26.15
C ASP A 214 -22.02 19.77 -27.01
N MSE A 215 -22.15 18.62 -26.35
CA MSE A 215 -22.34 17.36 -27.05
C MSE A 215 -23.73 17.27 -27.69
O MSE A 215 -24.01 16.31 -28.41
CB MSE A 215 -22.07 16.20 -26.10
CG MSE A 215 -23.12 16.02 -25.03
SE MSE A 215 -22.85 14.32 -24.09
CE MSE A 215 -21.81 14.75 -22.49
N SER A 216 -24.59 18.29 -27.47
CA SER A 216 -25.90 18.25 -28.09
C SER A 216 -25.79 18.72 -29.54
N HIS A 217 -24.64 19.27 -29.94
CA HIS A 217 -24.44 19.73 -31.34
C HIS A 217 -23.85 18.58 -32.17
N ALA A 218 -24.39 18.38 -33.37
CA ALA A 218 -23.93 17.32 -34.30
C ALA A 218 -22.42 17.44 -34.54
N GLY A 219 -21.74 16.29 -34.63
CA GLY A 219 -20.29 16.23 -34.89
C GLY A 219 -19.42 16.43 -33.66
N GLU A 220 -20.00 16.80 -32.51
CA GLU A 220 -19.18 17.04 -31.28
C GLU A 220 -18.95 15.73 -30.52
N PRO A 221 -17.83 15.61 -29.77
CA PRO A 221 -17.53 14.40 -29.01
C PRO A 221 -18.64 14.04 -28.00
N GLY A 222 -19.16 12.82 -28.10
CA GLY A 222 -20.24 12.33 -27.22
C GLY A 222 -21.61 12.49 -27.83
N ASN A 223 -21.71 13.20 -28.96
CA ASN A 223 -23.01 13.45 -29.65
C ASN A 223 -23.76 12.14 -29.90
N ALA A 224 -23.07 11.09 -30.38
CA ALA A 224 -23.75 9.80 -30.67
C ALA A 224 -24.43 9.28 -29.39
N LEU A 225 -23.69 9.23 -28.27
CA LEU A 225 -24.24 8.76 -26.97
C LEU A 225 -25.31 9.74 -26.48
N PHE A 226 -25.10 11.04 -26.67
CA PHE A 226 -26.10 12.05 -26.21
C PHE A 226 -27.44 11.81 -26.91
N GLU A 227 -27.41 11.61 -28.22
CA GLU A 227 -28.68 11.39 -28.99
C GLU A 227 -29.31 10.07 -28.55
N ASP A 228 -28.52 9.01 -28.32
CA ASP A 228 -29.10 7.73 -27.84
C ASP A 228 -29.86 8.01 -26.53
N ALA A 229 -29.22 8.67 -25.57
CA ALA A 229 -29.83 8.96 -24.24
C ALA A 229 -31.08 9.83 -24.38
N ARG A 230 -31.00 10.89 -25.19
CA ARG A 230 -32.11 11.86 -25.39
C ARG A 230 -33.32 11.14 -26.00
N GLN A 231 -33.10 10.32 -27.03
CA GLN A 231 -34.20 9.55 -27.68
C GLN A 231 -34.87 8.66 -26.64
N HIS A 232 -34.08 7.90 -25.86
CA HIS A 232 -34.62 6.98 -24.83
C HIS A 232 -35.32 7.78 -23.72
N LEU A 233 -34.83 8.97 -23.37
CA LEU A 233 -35.53 9.78 -22.33
C LEU A 233 -36.88 10.24 -22.87
N ARG A 234 -36.94 10.67 -24.14
CA ARG A 234 -38.22 11.13 -24.75
C ARG A 234 -39.20 9.95 -24.87
N GLN A 235 -38.68 8.72 -25.06
CA GLN A 235 -39.53 7.50 -25.20
C GLN A 235 -40.20 7.17 -23.87
N MSE A 236 -39.54 7.49 -22.75
CA MSE A 236 -40.09 7.23 -21.43
C MSE A 236 -41.35 8.08 -21.23
O MSE A 236 -42.18 7.76 -20.37
CB MSE A 236 -39.07 7.53 -20.33
CG MSE A 236 -37.99 6.47 -20.18
SE MSE A 236 -36.66 6.94 -18.82
CE MSE A 236 -37.45 6.58 -17.06
N GLY A 237 -41.48 9.16 -22.01
CA GLY A 237 -42.65 10.03 -21.94
C GLY A 237 -42.73 10.79 -20.62
N PRO A 238 -43.94 11.06 -20.10
CA PRO A 238 -44.10 11.76 -18.82
C PRO A 238 -43.54 10.97 -17.62
N GLN A 239 -43.30 9.66 -17.81
CA GLN A 239 -42.79 8.78 -16.72
C GLN A 239 -41.30 9.04 -16.47
N SER A 240 -40.64 9.83 -17.31
CA SER A 240 -39.19 10.15 -17.12
C SER A 240 -39.02 11.10 -15.93
N GLY A 241 -40.12 11.69 -15.45
CA GLY A 241 -40.07 12.64 -14.32
C GLY A 241 -39.41 13.97 -14.69
N LEU A 242 -39.06 14.15 -15.96
CA LEU A 242 -38.40 15.39 -16.42
C LEU A 242 -39.48 16.40 -16.82
N ARG A 243 -39.48 17.57 -16.19
CA ARG A 243 -40.52 18.60 -16.43
C ARG A 243 -39.99 19.75 -17.31
N SER A 244 -38.78 19.65 -17.86
CA SER A 244 -38.30 20.74 -18.77
C SER A 244 -37.31 20.17 -19.80
N ALA A 245 -37.29 20.78 -20.99
CA ALA A 245 -36.36 20.35 -22.06
C ALA A 245 -34.92 20.51 -21.54
N GLN A 246 -34.70 21.51 -20.68
CA GLN A 246 -33.33 21.72 -20.15
C GLN A 246 -32.92 20.51 -19.29
N GLU A 247 -33.81 20.05 -18.39
CA GLU A 247 -33.52 18.90 -17.49
C GLU A 247 -33.31 17.63 -18.31
N LEU A 248 -34.09 17.46 -19.39
CA LEU A 248 -33.96 16.27 -20.26
C LEU A 248 -32.56 16.31 -20.90
N ASP A 249 -32.13 17.47 -21.39
CA ASP A 249 -30.78 17.61 -22.01
C ASP A 249 -29.69 17.36 -20.97
N ASN A 250 -29.84 17.92 -19.78
CA ASN A 250 -28.83 17.69 -18.70
C ASN A 250 -28.74 16.18 -18.40
N THR A 251 -29.89 15.51 -18.25
CA THR A 251 -29.88 14.06 -17.92
C THR A 251 -29.20 13.27 -19.05
N ALA A 252 -29.50 13.62 -20.31
CA ALA A 252 -28.87 12.92 -21.47
C ALA A 252 -27.35 13.08 -21.40
N GLY A 253 -26.88 14.28 -21.02
CA GLY A 253 -25.44 14.56 -20.92
C GLY A 253 -24.79 13.72 -19.84
N ALA A 254 -25.44 13.64 -18.67
CA ALA A 254 -24.94 12.82 -17.54
C ALA A 254 -24.87 11.34 -17.95
N LEU A 255 -25.91 10.87 -18.64
CA LEU A 255 -26.00 9.46 -19.10
C LEU A 255 -24.89 9.17 -20.12
N ALA A 256 -24.70 10.06 -21.09
CA ALA A 256 -23.65 9.84 -22.12
C ALA A 256 -22.28 9.76 -21.44
N LEU A 257 -22.05 10.62 -20.44
CA LEU A 257 -20.77 10.63 -19.70
C LEU A 257 -20.59 9.28 -19.00
N GLY A 258 -21.55 8.88 -18.15
CA GLY A 258 -21.46 7.57 -17.46
C GLY A 258 -21.26 6.44 -18.47
N ALA A 259 -21.99 6.46 -19.58
CA ALA A 259 -21.88 5.40 -20.60
C ALA A 259 -20.45 5.38 -21.20
N GLN A 260 -19.93 6.54 -21.59
CA GLN A 260 -18.57 6.64 -22.17
C GLN A 260 -17.54 6.12 -21.16
N LYS A 261 -17.67 6.52 -19.89
CA LYS A 261 -16.73 6.08 -18.82
C LYS A 261 -16.75 4.56 -18.63
N ALA A 262 -17.93 3.92 -18.76
CA ALA A 262 -18.06 2.45 -18.55
C ALA A 262 -17.76 1.64 -19.83
N GLY A 263 -17.38 2.28 -20.93
CA GLY A 263 -16.98 1.57 -22.17
C GLY A 263 -18.14 1.26 -23.10
N LEU A 264 -19.28 1.95 -22.97
CA LEU A 264 -20.42 1.71 -23.88
C LEU A 264 -20.19 2.53 -25.16
N SER A 265 -20.50 1.95 -26.32
CA SER A 265 -20.41 2.74 -27.59
C SER A 265 -21.83 3.18 -27.98
N ARG A 266 -22.83 2.57 -27.34
CA ARG A 266 -24.25 2.87 -27.66
C ARG A 266 -25.11 2.66 -26.41
N ILE A 267 -26.15 3.50 -26.25
CA ILE A 267 -27.17 3.29 -25.19
C ILE A 267 -28.38 2.66 -25.90
N ASP A 268 -28.62 1.37 -25.69
CA ASP A 268 -29.74 0.68 -26.39
C ASP A 268 -31.01 0.78 -25.54
N HIS A 269 -30.84 0.89 -24.22
CA HIS A 269 -32.01 0.94 -23.31
C HIS A 269 -31.73 1.81 -22.09
N LEU A 270 -32.80 2.40 -21.53
CA LEU A 270 -32.74 3.17 -20.27
C LEU A 270 -33.70 2.49 -19.29
N LEU A 271 -33.24 2.21 -18.06
CA LEU A 271 -34.10 1.53 -17.05
C LEU A 271 -34.09 2.34 -15.76
N ALA A 272 -35.27 2.52 -15.14
CA ALA A 272 -35.36 3.22 -13.84
C ALA A 272 -35.12 2.19 -12.73
N GLY A 273 -34.49 2.59 -11.63
CA GLY A 273 -34.24 1.63 -10.53
C GLY A 273 -34.01 2.32 -9.21
N ASN A 274 -33.84 1.52 -8.15
N ASN A 274 -33.82 1.52 -8.15
CA ASN A 274 -33.56 2.04 -6.79
CA ASN A 274 -33.55 2.04 -6.77
C ASN A 274 -34.71 2.95 -6.34
C ASN A 274 -34.71 2.95 -6.34
N ASP A 275 -35.95 2.47 -6.50
CA ASP A 275 -37.18 3.23 -6.11
C ASP A 275 -37.23 4.61 -6.78
N GLY A 276 -36.93 4.66 -8.07
CA GLY A 276 -37.03 5.92 -8.85
C GLY A 276 -35.88 6.88 -8.64
N ARG A 277 -34.81 6.47 -7.94
CA ARG A 277 -33.67 7.40 -7.69
C ARG A 277 -32.54 7.20 -8.71
N THR A 278 -32.53 6.10 -9.46
CA THR A 278 -31.40 5.84 -10.37
C THR A 278 -31.87 5.53 -11.80
N LEU A 279 -31.06 5.95 -12.78
CA LEU A 279 -31.28 5.64 -14.22
C LEU A 279 -30.11 4.78 -14.69
N PHE A 280 -30.41 3.64 -15.29
CA PHE A 280 -29.38 2.71 -15.83
C PHE A 280 -29.36 2.78 -17.35
N ALA A 281 -28.17 3.01 -17.91
CA ALA A 281 -27.99 3.00 -19.38
C ALA A 281 -27.48 1.61 -19.73
N VAL A 282 -28.08 0.97 -20.73
CA VAL A 282 -27.69 -0.43 -21.08
C VAL A 282 -27.29 -0.50 -22.55
N GLN A 283 -26.20 -1.22 -22.82
CA GLN A 283 -25.83 -1.53 -24.22
C GLN A 283 -26.07 -3.03 -24.42
N GLY A 284 -26.91 -3.38 -25.40
CA GLY A 284 -27.22 -4.79 -25.70
C GLY A 284 -28.57 -5.19 -25.14
N ALA A 285 -29.07 -6.34 -25.56
CA ALA A 285 -30.38 -6.83 -25.04
C ALA A 285 -30.24 -7.10 -23.54
N LEU A 286 -31.34 -7.00 -22.80
CA LEU A 286 -31.31 -7.21 -21.32
C LEU A 286 -30.94 -8.67 -20.98
N GLY A 287 -31.16 -9.62 -21.89
CA GLY A 287 -30.84 -11.04 -21.62
C GLY A 287 -29.45 -11.43 -22.09
N ASP A 288 -28.72 -10.49 -22.72
CA ASP A 288 -27.35 -10.76 -23.25
C ASP A 288 -26.36 -10.77 -22.08
N PRO A 289 -25.68 -11.90 -21.79
CA PRO A 289 -24.70 -11.94 -20.70
C PRO A 289 -23.50 -11.00 -20.92
N ALA A 290 -23.35 -10.43 -22.12
CA ALA A 290 -22.25 -9.47 -22.43
C ALA A 290 -22.75 -8.04 -22.31
N MSE A 291 -24.01 -7.87 -21.89
CA MSE A 291 -24.62 -6.55 -21.74
C MSE A 291 -23.75 -5.65 -20.87
O MSE A 291 -23.17 -6.11 -19.88
CB MSE A 291 -26.02 -6.74 -21.14
CG MSE A 291 -26.79 -5.48 -20.90
SE MSE A 291 -27.73 -5.64 -19.19
CE MSE A 291 -26.35 -5.51 -17.80
N LEU A 292 -23.60 -4.38 -21.28
CA LEU A 292 -22.81 -3.38 -20.57
C LEU A 292 -23.77 -2.40 -19.89
N ARG A 293 -23.37 -1.83 -18.73
CA ARG A 293 -24.31 -0.92 -18.02
C ARG A 293 -23.55 0.23 -17.36
N ALA A 294 -24.27 1.33 -17.15
CA ALA A 294 -23.79 2.54 -16.46
C ALA A 294 -25.01 3.14 -15.76
N SER A 295 -24.82 3.89 -14.68
CA SER A 295 -25.99 4.46 -13.96
C SER A 295 -25.68 5.88 -13.53
N VAL A 296 -26.73 6.68 -13.33
CA VAL A 296 -26.59 8.09 -12.84
C VAL A 296 -27.66 8.31 -11.78
N ASP A 297 -27.37 9.18 -10.82
CA ASP A 297 -28.40 9.60 -9.83
C ASP A 297 -29.34 10.54 -10.59
N ARG A 298 -30.64 10.24 -10.65
CA ARG A 298 -31.60 11.04 -11.47
C ARG A 298 -31.66 12.50 -11.03
N GLU A 299 -31.67 12.76 -9.73
CA GLU A 299 -31.73 14.15 -9.20
C GLU A 299 -30.48 14.92 -9.63
N GLN A 300 -29.29 14.37 -9.36
CA GLN A 300 -28.00 15.02 -9.72
C GLN A 300 -27.90 15.21 -11.23
N ALA A 301 -28.39 14.24 -12.01
CA ALA A 301 -28.27 14.32 -13.48
C ALA A 301 -29.15 15.44 -14.06
N SER A 302 -30.34 15.67 -13.49
CA SER A 302 -31.27 16.69 -14.06
C SER A 302 -30.69 18.11 -13.92
N GLN A 303 -29.81 18.32 -12.94
CA GLN A 303 -29.22 19.67 -12.72
C GLN A 303 -27.73 19.68 -13.10
N GLN A 304 -27.19 18.57 -13.62
CA GLN A 304 -25.75 18.52 -13.99
C GLN A 304 -25.56 19.27 -15.31
N SER A 305 -24.71 20.30 -15.30
CA SER A 305 -24.40 21.15 -16.47
C SER A 305 -24.03 20.33 -17.72
N LEU A 306 -24.69 20.62 -18.84
CA LEU A 306 -24.39 19.93 -20.13
C LEU A 306 -23.00 20.35 -20.61
N ALA A 307 -22.57 21.56 -20.23
CA ALA A 307 -21.22 22.07 -20.59
C ALA A 307 -20.17 21.29 -19.80
N GLN A 308 -20.47 20.96 -18.53
CA GLN A 308 -19.54 20.17 -17.67
C GLN A 308 -19.50 18.74 -18.19
N SER A 309 -20.67 18.17 -18.48
CA SER A 309 -20.75 16.79 -19.01
C SER A 309 -19.98 16.69 -20.32
N SER A 310 -20.13 17.71 -21.19
CA SER A 310 -19.47 17.71 -22.53
C SER A 310 -17.96 17.82 -22.36
N GLN A 311 -17.51 18.63 -21.41
CA GLN A 311 -16.07 18.82 -21.14
C GLN A 311 -15.46 17.51 -20.63
N GLN A 312 -16.11 16.90 -19.64
CA GLN A 312 -15.60 15.64 -19.03
C GLN A 312 -15.62 14.50 -20.06
N LEU A 313 -16.63 14.45 -20.94
CA LEU A 313 -16.69 13.35 -21.95
C LEU A 313 -15.58 13.55 -22.99
N ALA A 314 -15.37 14.79 -23.45
CA ALA A 314 -14.33 15.09 -24.45
C ALA A 314 -12.95 14.67 -23.92
N ALA A 315 -12.66 14.98 -22.64
CA ALA A 315 -11.38 14.62 -22.00
C ALA A 315 -11.26 13.10 -21.88
N SER A 316 -12.37 12.43 -21.49
CA SER A 316 -12.44 10.96 -21.33
C SER A 316 -12.09 10.27 -22.67
N VAL A 317 -12.65 10.79 -23.77
CA VAL A 317 -12.40 10.23 -25.13
C VAL A 317 -10.92 10.47 -25.52
N ALA A 318 -10.37 11.63 -25.12
CA ALA A 318 -8.97 11.97 -25.45
C ALA A 318 -8.01 11.07 -24.67
N GLN A 319 -8.43 10.59 -23.49
CA GLN A 319 -7.59 9.70 -22.64
C GLN A 319 -7.50 8.31 -23.29
N ASN B 2 10.78 -23.24 1.77
CA ASN B 2 11.72 -22.89 2.88
C ASN B 2 12.87 -22.04 2.33
N ALA B 3 13.41 -22.39 1.15
CA ALA B 3 14.51 -21.61 0.55
C ALA B 3 14.01 -20.23 0.12
N MSE B 4 12.94 -20.22 -0.69
CA MSE B 4 12.35 -18.99 -1.19
C MSE B 4 11.73 -18.20 -0.04
O MSE B 4 11.85 -16.97 0.00
CB MSE B 4 11.30 -19.30 -2.26
CG MSE B 4 9.93 -19.72 -1.72
SE MSE B 4 8.81 -20.54 -3.10
CE MSE B 4 6.95 -19.95 -2.95
N SER B 5 11.09 -18.91 0.90
CA SER B 5 10.42 -18.31 2.03
C SER B 5 11.42 -17.59 2.96
N THR B 6 12.60 -18.17 3.19
CA THR B 6 13.63 -17.52 4.04
C THR B 6 14.14 -16.24 3.35
N ASP B 7 14.46 -16.31 2.05
CA ASP B 7 14.95 -15.12 1.31
C ASP B 7 13.85 -14.04 1.28
N ARG B 8 12.60 -14.43 1.05
CA ARG B 8 11.48 -13.45 1.02
C ARG B 8 11.27 -12.82 2.41
N GLU B 9 11.42 -13.63 3.45
N GLU B 9 11.41 -13.60 3.47
CA GLU B 9 11.30 -13.16 4.85
CA GLU B 9 11.23 -13.05 4.84
C GLU B 9 12.36 -12.08 5.10
C GLU B 9 12.37 -12.05 5.12
N SER B 10 13.62 -12.37 4.74
CA SER B 10 14.74 -11.41 4.93
C SER B 10 14.46 -10.11 4.16
N GLN B 11 13.98 -10.23 2.91
CA GLN B 11 13.66 -9.03 2.09
C GLN B 11 12.53 -8.24 2.75
N LEU B 12 11.49 -8.92 3.25
CA LEU B 12 10.35 -8.18 3.87
C LEU B 12 10.77 -7.54 5.20
N LEU B 13 11.57 -8.23 6.02
CA LEU B 13 12.06 -7.60 7.29
C LEU B 13 12.81 -6.30 6.96
N ARG B 14 13.69 -6.33 5.96
CA ARG B 14 14.47 -5.14 5.54
C ARG B 14 13.52 -4.05 5.03
N GLN B 15 12.57 -4.39 4.16
CA GLN B 15 11.63 -3.38 3.62
C GLN B 15 10.81 -2.74 4.74
N ALA B 16 10.34 -3.55 5.68
CA ALA B 16 9.49 -3.05 6.78
C ALA B 16 10.28 -2.10 7.68
N THR B 17 11.47 -2.53 8.09
CA THR B 17 12.30 -1.66 8.98
C THR B 17 12.68 -0.38 8.23
N LYS B 18 13.07 -0.48 6.95
CA LYS B 18 13.43 0.73 6.16
C LYS B 18 12.22 1.67 6.02
N ALA B 19 11.00 1.16 6.20
CA ALA B 19 9.78 1.98 6.09
C ALA B 19 9.39 2.55 7.46
N GLY B 20 10.16 2.23 8.52
CA GLY B 20 9.86 2.81 9.84
C GLY B 20 9.16 1.84 10.77
N ILE B 21 8.92 0.61 10.34
CA ILE B 21 8.33 -0.41 11.26
C ILE B 21 9.51 -0.95 12.07
N ASP B 22 9.96 -0.17 13.06
CA ASP B 22 11.17 -0.49 13.88
C ASP B 22 10.80 -0.84 15.33
N SER B 23 9.50 -0.93 15.64
CA SER B 23 9.08 -1.39 17.01
C SER B 23 8.99 -2.91 16.96
N PRO B 24 9.65 -3.66 17.87
CA PRO B 24 9.61 -5.12 17.85
C PRO B 24 8.19 -5.69 17.79
N LEU B 25 7.31 -5.21 18.67
CA LEU B 25 5.89 -5.68 18.73
C LEU B 25 5.17 -5.37 17.41
N GLU B 26 5.36 -4.17 16.86
CA GLU B 26 4.67 -3.82 15.60
C GLU B 26 5.22 -4.69 14.46
N LEU B 27 6.54 -4.87 14.41
CA LEU B 27 7.14 -5.69 13.32
C LEU B 27 6.66 -7.15 13.44
N ALA B 28 6.61 -7.70 14.66
CA ALA B 28 6.15 -9.10 14.87
C ALA B 28 4.71 -9.26 14.37
N ASN B 29 3.87 -8.27 14.68
CA ASN B 29 2.44 -8.27 14.25
C ASN B 29 2.38 -8.23 12.71
N PHE B 30 3.13 -7.30 12.09
CA PHE B 30 3.12 -7.16 10.61
C PHE B 30 3.54 -8.47 9.94
N MSE B 31 4.64 -9.07 10.42
CA MSE B 31 5.16 -10.29 9.83
C MSE B 31 4.18 -11.44 10.05
O MSE B 31 4.05 -12.30 9.17
CB MSE B 31 6.53 -10.60 10.43
CG MSE B 31 7.57 -9.52 10.16
SE MSE B 31 7.96 -9.36 8.24
CE MSE B 31 8.71 -11.14 7.89
N ALA B 32 3.48 -11.45 11.20
CA ALA B 32 2.52 -12.49 11.51
C ALA B 32 1.31 -12.38 10.57
N GLN B 33 0.81 -11.17 10.34
CA GLN B 33 -0.34 -10.97 9.41
C GLN B 33 0.10 -11.40 7.99
N ALA B 34 1.22 -10.88 7.50
CA ALA B 34 1.69 -11.26 6.15
C ALA B 34 1.88 -12.78 6.07
N GLY B 35 2.57 -13.36 7.06
CA GLY B 35 2.86 -14.80 7.08
C GLY B 35 1.61 -15.66 6.99
N HIS B 36 0.55 -15.25 7.69
CA HIS B 36 -0.72 -16.02 7.71
C HIS B 36 -1.47 -15.88 6.38
N GLU B 37 -1.61 -14.65 5.87
CA GLU B 37 -2.39 -14.37 4.65
C GLU B 37 -1.71 -14.95 3.40
N SER B 38 -0.40 -15.23 3.46
CA SER B 38 0.29 -15.71 2.23
C SER B 38 1.02 -17.03 2.49
N ARG B 39 0.70 -17.70 3.60
CA ARG B 39 1.32 -19.00 3.98
C ARG B 39 2.84 -18.84 4.01
N GLY B 40 3.36 -17.94 4.85
CA GLY B 40 4.82 -17.74 4.96
C GLY B 40 5.43 -17.14 3.71
N LEU B 41 4.68 -16.30 3.00
CA LEU B 41 5.18 -15.59 1.79
C LEU B 41 5.37 -16.58 0.64
N SER B 42 4.63 -17.69 0.64
CA SER B 42 4.77 -18.72 -0.44
C SER B 42 3.61 -18.63 -1.43
N ARG B 43 2.48 -18.05 -1.01
CA ARG B 43 1.28 -17.94 -1.91
C ARG B 43 0.92 -16.47 -2.05
N LEU B 44 1.20 -15.87 -3.23
CA LEU B 44 0.98 -14.41 -3.47
C LEU B 44 -0.32 -14.15 -4.26
N ASN B 45 -1.07 -15.20 -4.61
CA ASN B 45 -2.34 -15.05 -5.36
C ASN B 45 -3.48 -15.72 -4.61
N GLU B 46 -4.58 -14.99 -4.46
CA GLU B 46 -5.79 -15.52 -3.81
C GLU B 46 -6.21 -16.85 -4.45
N SER B 47 -6.56 -17.82 -3.62
CA SER B 47 -7.15 -19.10 -4.07
C SER B 47 -8.67 -19.01 -3.91
N PHE B 48 -9.39 -19.38 -4.94
CA PHE B 48 -10.88 -19.42 -4.91
C PHE B 48 -11.33 -20.87 -4.73
N ASN B 49 -10.42 -21.71 -4.24
CA ASN B 49 -10.67 -23.14 -3.98
C ASN B 49 -11.10 -23.35 -2.53
N PHE B 50 -12.36 -23.71 -2.32
CA PHE B 50 -12.90 -24.06 -0.98
C PHE B 50 -13.38 -25.52 -1.10
N THR B 51 -12.57 -26.48 -0.65
CA THR B 51 -12.82 -27.94 -0.84
C THR B 51 -13.88 -28.50 0.12
N ARG B 52 -14.06 -27.91 1.31
CA ARG B 52 -15.06 -28.44 2.29
C ARG B 52 -16.49 -27.97 1.93
N GLY B 53 -16.75 -26.65 2.01
CA GLY B 53 -18.10 -26.13 1.72
C GLY B 53 -18.16 -24.62 1.76
N ILE B 54 -19.34 -24.07 1.51
CA ILE B 54 -19.53 -22.59 1.45
C ILE B 54 -19.31 -21.94 2.80
N SER B 55 -19.37 -22.68 3.93
CA SER B 55 -19.14 -22.03 5.26
C SER B 55 -17.71 -21.49 5.33
N GLN B 56 -16.81 -22.04 4.51
CA GLN B 56 -15.39 -21.58 4.47
C GLN B 56 -15.28 -20.18 3.84
N ILE B 57 -16.27 -19.75 3.07
CA ILE B 57 -16.17 -18.45 2.35
C ILE B 57 -16.34 -17.30 3.34
N PRO B 58 -15.32 -16.42 3.47
CA PRO B 58 -15.33 -15.37 4.49
C PRO B 58 -16.11 -14.08 4.19
N VAL B 59 -16.74 -13.97 3.03
CA VAL B 59 -17.48 -12.73 2.64
C VAL B 59 -18.98 -12.98 2.75
N GLU B 60 -19.64 -12.26 3.65
CA GLU B 60 -21.10 -12.42 3.91
C GLU B 60 -21.91 -12.00 2.66
N ALA B 61 -21.42 -11.04 1.88
CA ALA B 61 -22.14 -10.60 0.66
C ALA B 61 -22.30 -11.73 -0.35
N ALA B 62 -21.40 -12.73 -0.30
CA ALA B 62 -21.39 -13.86 -1.26
C ALA B 62 -22.69 -14.67 -1.21
N TRP B 63 -23.48 -14.52 -0.14
CA TRP B 63 -24.76 -15.25 0.01
C TRP B 63 -25.95 -14.46 -0.57
N ARG B 64 -25.73 -13.31 -1.22
CA ARG B 64 -26.89 -12.46 -1.66
C ARG B 64 -27.77 -13.15 -2.72
N ASN B 65 -27.24 -14.11 -3.47
CA ASN B 65 -28.09 -14.79 -4.48
C ASN B 65 -28.65 -16.10 -3.89
N GLY B 66 -28.45 -16.33 -2.58
CA GLY B 66 -28.94 -17.56 -1.93
C GLY B 66 -27.82 -18.57 -1.75
N ASN B 67 -28.09 -19.63 -0.99
CA ASN B 67 -27.06 -20.65 -0.67
C ASN B 67 -26.71 -21.46 -1.93
N ALA B 68 -27.73 -21.81 -2.71
CA ALA B 68 -27.54 -22.66 -3.91
C ALA B 68 -26.64 -21.99 -4.95
N ALA B 69 -26.82 -20.69 -5.17
CA ALA B 69 -25.98 -19.95 -6.16
C ALA B 69 -24.53 -19.89 -5.65
N LEU B 70 -24.35 -19.79 -4.34
CA LEU B 70 -22.98 -19.74 -3.80
C LEU B 70 -22.37 -21.14 -3.94
N GLU B 71 -23.16 -22.21 -3.69
CA GLU B 71 -22.61 -23.59 -3.83
C GLU B 71 -22.22 -23.82 -5.29
N SER B 72 -23.07 -23.41 -6.25
CA SER B 72 -22.74 -23.53 -7.70
C SER B 72 -21.42 -22.81 -8.02
N ALA B 73 -21.27 -21.56 -7.55
CA ALA B 73 -20.03 -20.79 -7.80
C ALA B 73 -18.83 -21.49 -7.17
N ARG B 74 -19.02 -22.10 -6.00
CA ARG B 74 -17.91 -22.84 -5.34
C ARG B 74 -17.47 -24.00 -6.25
N GLN B 75 -18.43 -24.76 -6.79
CA GLN B 75 -18.07 -25.90 -7.67
C GLN B 75 -17.40 -25.37 -8.94
N GLU B 76 -17.89 -24.28 -9.51
CA GLU B 76 -17.27 -23.76 -10.76
C GLU B 76 -15.84 -23.28 -10.46
N ALA B 77 -15.58 -22.78 -9.26
CA ALA B 77 -14.20 -22.33 -8.94
C ALA B 77 -13.28 -23.56 -8.79
N LEU B 78 -13.80 -24.63 -8.18
CA LEU B 78 -13.02 -25.88 -8.02
C LEU B 78 -12.67 -26.48 -9.39
N ARG B 79 -13.32 -26.02 -10.46
CA ARG B 79 -13.04 -26.53 -11.84
C ARG B 79 -12.16 -25.55 -12.61
N GLY B 80 -11.81 -24.40 -12.03
CA GLY B 80 -10.93 -23.44 -12.74
C GLY B 80 -11.69 -22.30 -13.38
N ARG B 81 -12.95 -22.07 -12.95
CA ARG B 81 -13.76 -20.96 -13.49
C ARG B 81 -14.26 -20.16 -12.28
N PRO B 82 -13.35 -19.41 -11.64
CA PRO B 82 -13.70 -18.66 -10.42
C PRO B 82 -14.45 -17.34 -10.63
N GLU B 83 -14.80 -16.99 -11.88
CA GLU B 83 -15.49 -15.69 -12.16
C GLU B 83 -16.72 -15.51 -11.27
N ASN B 84 -17.66 -16.47 -11.32
CA ASN B 84 -18.94 -16.39 -10.56
C ASN B 84 -18.71 -16.23 -9.05
N LEU B 85 -17.81 -17.03 -8.47
CA LEU B 85 -17.51 -16.91 -7.01
C LEU B 85 -16.85 -15.54 -6.74
N ALA B 86 -15.91 -15.10 -7.59
CA ALA B 86 -15.28 -13.77 -7.37
C ALA B 86 -16.34 -12.66 -7.44
N GLU B 87 -17.31 -12.78 -8.36
CA GLU B 87 -18.36 -11.73 -8.46
C GLU B 87 -19.19 -11.69 -7.17
N LEU B 88 -19.45 -12.86 -6.59
CA LEU B 88 -20.27 -12.90 -5.34
C LEU B 88 -19.46 -12.33 -4.19
N MSE B 89 -18.17 -12.67 -4.15
CA MSE B 89 -17.34 -12.24 -3.05
C MSE B 89 -16.99 -10.75 -3.10
O MSE B 89 -17.04 -10.08 -2.07
CB MSE B 89 -16.07 -13.09 -3.03
CG MSE B 89 -16.33 -14.50 -2.59
SE MSE B 89 -14.72 -15.61 -2.54
CE MSE B 89 -13.60 -14.80 -1.15
N TYR B 90 -16.64 -10.24 -4.30
CA TYR B 90 -16.13 -8.88 -4.40
C TYR B 90 -16.86 -8.02 -5.44
N GLY B 91 -17.77 -8.58 -6.24
CA GLY B 91 -18.46 -7.77 -7.26
C GLY B 91 -19.32 -6.68 -6.65
N GLY B 92 -19.37 -5.51 -7.30
CA GLY B 92 -20.18 -4.36 -6.85
C GLY B 92 -19.60 -3.69 -5.61
N ARG B 93 -18.42 -4.11 -5.15
CA ARG B 93 -17.79 -3.50 -3.96
C ARG B 93 -16.37 -3.09 -4.33
N MSE B 94 -15.76 -2.27 -3.49
CA MSE B 94 -14.38 -1.82 -3.65
C MSE B 94 -14.08 -1.41 -5.09
O MSE B 94 -12.98 -1.68 -5.59
CB MSE B 94 -13.46 -2.95 -3.18
CG MSE B 94 -13.39 -3.10 -1.68
SE MSE B 94 -12.63 -4.82 -1.15
CE MSE B 94 -13.35 -6.19 -2.32
N GLY B 95 -15.02 -0.74 -5.76
CA GLY B 95 -14.82 -0.22 -7.10
C GLY B 95 -15.02 -1.25 -8.20
N ASN B 96 -15.32 -2.50 -7.87
CA ASN B 96 -15.55 -3.55 -8.90
C ASN B 96 -16.94 -3.35 -9.53
N ASP B 97 -17.04 -2.38 -10.44
CA ASP B 97 -18.33 -1.99 -11.10
C ASP B 97 -18.59 -2.82 -12.36
N ALA B 98 -17.55 -3.16 -13.12
CA ALA B 98 -17.76 -3.90 -14.39
C ALA B 98 -17.62 -5.40 -14.17
N PRO B 99 -18.41 -6.23 -14.88
CA PRO B 99 -18.24 -7.68 -14.80
C PRO B 99 -16.79 -8.00 -15.17
N GLY B 100 -16.14 -8.85 -14.36
CA GLY B 100 -14.72 -9.19 -14.60
C GLY B 100 -13.81 -8.47 -13.64
N ASP B 101 -14.23 -7.33 -13.08
CA ASP B 101 -13.35 -6.58 -12.14
C ASP B 101 -13.07 -7.41 -10.88
N ALA B 102 -14.10 -8.06 -10.35
CA ALA B 102 -13.94 -8.83 -9.09
C ALA B 102 -12.76 -9.80 -9.20
N LEU B 103 -12.68 -10.55 -10.30
CA LEU B 103 -11.58 -11.53 -10.50
C LEU B 103 -10.28 -10.82 -10.89
N LYS B 104 -10.35 -9.84 -11.79
CA LYS B 104 -9.13 -9.11 -12.22
C LYS B 104 -8.40 -8.55 -10.98
N TYR B 105 -9.15 -8.06 -10.00
CA TYR B 105 -8.54 -7.42 -8.80
C TYR B 105 -8.64 -8.35 -7.59
N HIS B 106 -8.51 -9.65 -7.82
CA HIS B 106 -8.49 -10.64 -6.71
C HIS B 106 -7.27 -10.35 -5.83
N GLY B 107 -7.25 -10.95 -4.63
CA GLY B 107 -6.17 -10.75 -3.65
C GLY B 107 -4.82 -11.12 -4.21
N ARG B 108 -3.85 -10.22 -4.07
CA ARG B 108 -2.47 -10.49 -4.51
C ARG B 108 -1.50 -9.90 -3.50
N GLY B 109 -0.42 -10.62 -3.22
CA GLY B 109 0.64 -10.09 -2.32
C GLY B 109 0.72 -10.82 -1.00
N TYR B 110 1.46 -10.20 -0.06
CA TYR B 110 1.69 -10.72 1.30
C TYR B 110 0.49 -10.34 2.17
N LEU B 111 0.04 -9.09 2.06
CA LEU B 111 -1.24 -8.65 2.67
C LEU B 111 -2.11 -8.44 1.45
N PRO B 112 -3.04 -9.37 1.14
CA PRO B 112 -3.73 -9.33 -0.14
C PRO B 112 -4.35 -7.98 -0.50
N LEU B 113 -3.92 -7.43 -1.64
CA LEU B 113 -4.52 -6.19 -2.22
C LEU B 113 -5.75 -6.68 -2.99
N VAL B 114 -6.94 -6.16 -2.69
N VAL B 114 -6.94 -6.16 -2.66
CA VAL B 114 -8.16 -6.66 -3.40
CA VAL B 114 -8.22 -6.62 -3.29
C VAL B 114 -9.11 -5.49 -3.70
C VAL B 114 -9.06 -5.41 -3.72
N GLY B 115 -9.71 -5.50 -4.89
CA GLY B 115 -10.64 -4.44 -5.33
C GLY B 115 -9.99 -3.39 -6.22
N LYS B 116 -10.69 -3.03 -7.30
N LYS B 116 -10.70 -3.02 -7.29
CA LYS B 116 -10.18 -2.04 -8.28
CA LYS B 116 -10.17 -2.04 -8.28
C LYS B 116 -9.74 -0.76 -7.56
C LYS B 116 -9.75 -0.74 -7.58
N GLU B 117 -10.54 -0.25 -6.62
CA GLU B 117 -10.20 1.05 -5.97
C GLU B 117 -8.90 0.93 -5.14
N ASN B 118 -8.63 -0.23 -4.54
CA ASN B 118 -7.37 -0.41 -3.75
C ASN B 118 -6.18 -0.54 -4.70
N TYR B 119 -6.38 -1.15 -5.87
CA TYR B 119 -5.31 -1.20 -6.90
C TYR B 119 -5.04 0.23 -7.39
N GLU B 120 -6.09 1.05 -7.50
CA GLU B 120 -5.97 2.48 -7.92
C GLU B 120 -5.16 3.26 -6.87
N ARG B 121 -5.57 3.19 -5.60
CA ARG B 121 -4.88 3.94 -4.52
C ARG B 121 -3.42 3.48 -4.37
N ALA B 122 -3.20 2.18 -4.24
CA ALA B 122 -1.83 1.63 -4.07
C ALA B 122 -0.96 2.01 -5.27
N GLY B 123 -1.52 1.91 -6.48
CA GLY B 123 -0.75 2.22 -7.71
C GLY B 123 -0.30 3.67 -7.72
N LYS B 124 -1.23 4.57 -7.37
CA LYS B 124 -0.95 6.03 -7.34
C LYS B 124 0.09 6.33 -6.26
N ALA B 125 -0.08 5.76 -5.06
CA ALA B 125 0.82 6.05 -3.92
C ALA B 125 2.20 5.41 -4.10
N LEU B 126 2.31 4.34 -4.88
CA LEU B 126 3.62 3.63 -5.00
C LEU B 126 4.21 3.77 -6.41
N ASP B 127 3.59 4.55 -7.30
CA ASP B 127 4.12 4.73 -8.68
C ASP B 127 4.16 3.38 -9.40
N LEU B 128 3.08 2.61 -9.30
CA LEU B 128 2.97 1.30 -10.01
C LEU B 128 1.67 1.32 -10.81
N ASP B 129 1.70 0.74 -12.01
CA ASP B 129 0.52 0.68 -12.91
C ASP B 129 -0.33 -0.53 -12.50
N LEU B 130 -0.81 -0.54 -11.25
CA LEU B 130 -1.59 -1.67 -10.69
C LEU B 130 -2.97 -1.79 -11.33
N VAL B 131 -3.57 -0.69 -11.81
CA VAL B 131 -4.95 -0.79 -12.39
C VAL B 131 -4.89 -1.56 -13.71
N ASN B 132 -3.88 -1.30 -14.53
CA ASN B 132 -3.79 -1.96 -15.86
C ASN B 132 -2.91 -3.20 -15.77
N GLN B 133 -2.01 -3.26 -14.78
CA GLN B 133 -1.13 -4.45 -14.62
C GLN B 133 -1.26 -4.95 -13.18
N PRO B 134 -2.44 -5.45 -12.78
CA PRO B 134 -2.65 -5.89 -11.39
C PRO B 134 -1.70 -7.03 -11.00
N GLU B 135 -1.19 -7.78 -11.99
CA GLU B 135 -0.22 -8.90 -11.75
C GLU B 135 0.99 -8.39 -10.95
N LEU B 136 1.33 -7.11 -11.12
CA LEU B 136 2.51 -6.53 -10.42
C LEU B 136 2.38 -6.73 -8.91
N ALA B 137 1.16 -6.68 -8.36
CA ALA B 137 0.96 -6.83 -6.91
C ALA B 137 1.31 -8.24 -6.43
N ALA B 138 1.39 -9.23 -7.32
CA ALA B 138 1.73 -10.60 -6.87
C ALA B 138 3.23 -10.88 -7.07
N GLN B 139 4.02 -9.87 -7.45
CA GLN B 139 5.47 -10.08 -7.66
C GLN B 139 6.18 -9.71 -6.36
N PRO B 140 7.06 -10.58 -5.82
CA PRO B 140 7.75 -10.29 -4.55
C PRO B 140 8.54 -8.96 -4.62
N GLU B 141 9.02 -8.59 -5.80
CA GLU B 141 9.76 -7.31 -5.97
C GLU B 141 8.86 -6.11 -5.60
N HIS B 142 7.51 -6.26 -5.63
CA HIS B 142 6.56 -5.16 -5.31
C HIS B 142 5.65 -5.47 -4.12
N ALA B 143 5.37 -6.75 -3.85
CA ALA B 143 4.45 -7.17 -2.76
C ALA B 143 4.91 -6.59 -1.42
N GLY B 144 6.22 -6.52 -1.18
CA GLY B 144 6.72 -5.98 0.10
C GLY B 144 6.29 -4.52 0.29
N ARG B 145 6.55 -3.68 -0.69
CA ARG B 145 6.18 -2.24 -0.61
C ARG B 145 4.65 -2.13 -0.45
N ILE B 146 3.88 -2.92 -1.21
CA ILE B 146 2.40 -2.86 -1.11
C ILE B 146 1.95 -3.30 0.29
N ALA B 147 2.54 -4.36 0.85
CA ALA B 147 2.17 -4.81 2.21
C ALA B 147 2.45 -3.70 3.23
N VAL B 148 3.63 -3.07 3.17
CA VAL B 148 3.95 -1.97 4.11
C VAL B 148 2.93 -0.84 3.96
N TRP B 149 2.60 -0.50 2.72
CA TRP B 149 1.63 0.59 2.43
C TRP B 149 0.25 0.21 3.02
N GLN B 150 -0.18 -1.04 2.83
CA GLN B 150 -1.46 -1.55 3.39
C GLN B 150 -1.44 -1.37 4.91
N TRP B 151 -0.37 -1.84 5.54
CA TRP B 151 -0.18 -1.74 7.01
C TRP B 151 -0.27 -0.29 7.50
N GLN B 152 0.53 0.60 6.90
CA GLN B 152 0.66 2.01 7.37
C GLN B 152 -0.58 2.86 7.02
N THR B 153 -1.35 2.51 6.01
CA THR B 153 -2.51 3.38 5.65
C THR B 153 -3.82 2.86 6.25
N ARG B 154 -3.88 1.60 6.70
CA ARG B 154 -5.18 1.04 7.19
C ARG B 154 -5.14 0.72 8.69
N VAL B 155 -3.99 0.31 9.23
CA VAL B 155 -3.93 -0.04 10.68
C VAL B 155 -3.60 1.22 11.47
N PRO B 156 -4.54 1.79 12.27
CA PRO B 156 -4.25 2.98 13.06
C PRO B 156 -3.06 2.71 14.00
N GLU B 157 -2.28 3.75 14.32
CA GLU B 157 -1.04 3.61 15.14
C GLU B 157 -1.35 2.99 16.50
N GLY B 158 -2.63 2.96 16.91
CA GLY B 158 -3.01 2.38 18.22
C GLY B 158 -3.25 0.88 18.18
N ALA B 159 -3.49 0.32 16.99
CA ALA B 159 -3.79 -1.13 16.84
C ALA B 159 -2.58 -1.87 16.23
N ARG B 160 -1.42 -1.22 16.19
CA ARG B 160 -0.23 -1.84 15.55
C ARG B 160 0.49 -2.79 16.50
N HIS B 161 0.08 -2.85 17.77
CA HIS B 161 0.77 -3.74 18.76
C HIS B 161 -0.15 -4.91 19.16
N ASP B 162 -1.42 -4.86 18.76
CA ASP B 162 -2.41 -5.92 19.12
C ASP B 162 -2.77 -6.71 17.85
N VAL B 163 -2.67 -8.04 17.90
CA VAL B 163 -2.99 -8.91 16.72
C VAL B 163 -4.47 -8.77 16.35
N ARG B 164 -5.36 -8.78 17.34
CA ARG B 164 -6.83 -8.69 17.13
C ARG B 164 -7.20 -7.45 16.31
N GLU B 165 -6.93 -6.26 16.85
CA GLU B 165 -7.30 -4.96 16.23
C GLU B 165 -6.65 -4.83 14.84
N ALA B 166 -5.41 -5.29 14.66
CA ALA B 166 -4.73 -5.21 13.35
C ALA B 166 -5.46 -6.10 12.34
N THR B 167 -5.81 -7.33 12.74
CA THR B 167 -6.54 -8.29 11.86
C THR B 167 -7.86 -7.64 11.42
N TYR B 168 -8.53 -6.97 12.36
CA TYR B 168 -9.84 -6.32 12.13
C TYR B 168 -9.67 -5.17 11.12
N ALA B 169 -8.76 -4.23 11.43
CA ALA B 169 -8.51 -3.07 10.55
C ALA B 169 -8.18 -3.51 9.12
N LEU B 170 -7.43 -4.62 8.99
CA LEU B 170 -7.02 -5.13 7.65
C LEU B 170 -8.17 -5.89 6.97
N ASN B 171 -8.94 -6.69 7.72
CA ASN B 171 -9.97 -7.55 7.05
C ASN B 171 -11.38 -7.25 7.53
N GLY B 172 -11.57 -6.32 8.47
CA GLY B 172 -12.93 -6.02 8.98
C GLY B 172 -13.63 -7.29 9.40
N ALA B 173 -12.85 -8.27 9.88
CA ALA B 173 -13.36 -9.59 10.33
C ALA B 173 -12.23 -10.33 11.05
N LEU B 174 -12.57 -11.26 11.95
CA LEU B 174 -11.55 -12.04 12.71
C LEU B 174 -11.58 -13.50 12.24
N ASN B 175 -10.73 -13.82 11.25
CA ASN B 175 -10.60 -15.20 10.69
C ASN B 175 -9.16 -15.69 10.89
N GLY B 176 -9.01 -16.87 11.51
CA GLY B 176 -7.69 -17.49 11.77
C GLY B 176 -6.91 -16.76 12.85
N ILE B 177 -7.60 -16.19 13.85
CA ILE B 177 -6.91 -15.41 14.91
C ILE B 177 -5.92 -16.30 15.68
N GLU B 178 -6.25 -17.56 15.94
CA GLU B 178 -5.33 -18.45 16.71
C GLU B 178 -4.04 -18.64 15.91
N ALA B 179 -4.15 -18.82 14.59
CA ALA B 179 -2.96 -19.03 13.71
C ALA B 179 -2.11 -17.75 13.68
N ARG B 180 -2.75 -16.57 13.65
CA ARG B 180 -2.02 -15.28 13.61
C ARG B 180 -1.28 -15.07 14.93
N ARG B 181 -1.90 -15.42 16.07
CA ARG B 181 -1.21 -15.24 17.39
C ARG B 181 0.00 -16.16 17.47
N GLN B 182 -0.10 -17.40 16.96
CA GLN B 182 1.05 -18.33 17.00
C GLN B 182 2.23 -17.69 16.27
N ARG B 183 1.98 -17.18 15.07
CA ARG B 183 3.07 -16.53 14.28
C ARG B 183 3.59 -15.30 15.04
N PHE B 184 2.68 -14.56 15.68
CA PHE B 184 3.03 -13.32 16.44
C PHE B 184 4.01 -13.64 17.57
N GLU B 185 3.64 -14.59 18.44
CA GLU B 185 4.46 -15.02 19.59
C GLU B 185 5.83 -15.49 19.08
N VAL B 186 5.85 -16.21 17.94
CA VAL B 186 7.13 -16.71 17.38
C VAL B 186 7.99 -15.52 16.93
N TRP B 187 7.41 -14.53 16.25
CA TRP B 187 8.21 -13.34 15.82
C TRP B 187 8.71 -12.57 17.06
N GLN B 188 7.88 -12.43 18.10
CA GLN B 188 8.36 -11.73 19.32
C GLN B 188 9.64 -12.40 19.83
N GLN B 189 9.67 -13.74 19.89
CA GLN B 189 10.84 -14.49 20.40
C GLN B 189 12.09 -14.15 19.57
N LYS B 190 11.95 -14.11 18.25
CA LYS B 190 13.12 -13.88 17.34
C LYS B 190 13.56 -12.42 17.25
N LEU B 191 12.65 -11.44 17.37
CA LEU B 191 13.03 -10.01 17.18
C LEU B 191 13.60 -9.41 18.46
N THR B 192 14.78 -9.89 18.86
CA THR B 192 15.50 -9.40 20.06
C THR B 192 16.10 -8.02 19.77
N PRO B 193 16.55 -7.28 20.80
CA PRO B 193 17.18 -5.98 20.56
C PRO B 193 18.33 -6.04 19.52
N ASP B 194 19.19 -7.06 19.58
CA ASP B 194 20.35 -7.12 18.64
C ASP B 194 19.85 -7.43 17.22
N VAL B 195 18.82 -8.27 17.09
CA VAL B 195 18.26 -8.57 15.73
C VAL B 195 17.74 -7.27 15.11
N MSE B 196 17.00 -6.47 15.90
CA MSE B 196 16.44 -5.22 15.43
C MSE B 196 17.57 -4.26 15.04
O MSE B 196 17.48 -3.58 14.03
CB MSE B 196 15.56 -4.57 16.51
CG MSE B 196 14.39 -5.41 16.95
SE MSE B 196 13.10 -5.65 15.49
CE MSE B 196 12.48 -3.83 15.12
N ALA B 197 18.65 -4.22 15.85
CA ALA B 197 19.77 -3.34 15.57
C ALA B 197 20.43 -3.70 14.23
N ARG B 198 20.63 -4.99 13.95
CA ARG B 198 21.27 -5.38 12.66
C ARG B 198 20.33 -5.05 11.49
N LEU B 199 19.02 -5.15 11.70
CA LEU B 199 18.05 -4.77 10.63
C LEU B 199 18.17 -3.27 10.39
N ASP B 200 18.32 -2.50 11.47
CA ASP B 200 18.47 -1.03 11.38
C ASP B 200 19.77 -0.70 10.63
N ARG B 201 20.80 -1.54 10.82
CA ARG B 201 22.13 -1.38 10.17
C ARG B 201 22.06 -1.92 8.73
N GLY B 202 20.95 -2.59 8.39
CA GLY B 202 20.74 -3.14 7.04
C GLY B 202 21.64 -4.34 6.77
N GLU B 203 22.02 -5.09 7.81
CA GLU B 203 22.87 -6.29 7.62
C GLU B 203 22.01 -7.38 6.98
N VAL B 204 22.55 -8.09 5.98
CA VAL B 204 21.78 -9.13 5.24
C VAL B 204 22.06 -10.53 5.82
N GLY B 205 23.33 -10.96 5.79
CA GLY B 205 23.73 -12.30 6.30
C GLY B 205 23.35 -12.50 7.76
N ALA B 206 22.63 -13.58 8.06
CA ALA B 206 22.23 -13.91 9.45
C ALA B 206 23.42 -14.51 10.19
N PRO B 207 23.78 -14.01 11.40
CA PRO B 207 24.92 -14.52 12.14
C PRO B 207 24.78 -16.00 12.57
N ALA B 208 25.93 -16.67 12.78
CA ALA B 208 25.95 -18.08 13.22
C ALA B 208 25.45 -18.14 14.68
N GLN B 209 25.66 -17.04 15.43
CA GLN B 209 25.23 -16.88 16.84
C GLN B 209 25.93 -17.89 17.75
N THR B 210 25.65 -17.79 19.05
CA THR B 210 26.18 -18.70 20.11
C THR B 210 24.99 -19.35 20.82
N VAL B 211 25.19 -20.51 21.45
CA VAL B 211 24.09 -21.25 22.15
C VAL B 211 23.44 -20.33 23.19
N ALA B 212 22.10 -20.21 23.14
CA ALA B 212 21.33 -19.37 24.10
C ALA B 212 21.22 -20.10 25.44
N ARG B 213 21.13 -19.36 26.54
CA ARG B 213 21.05 -19.97 27.89
C ARG B 213 19.80 -20.87 28.00
N ASP B 214 19.95 -22.05 28.60
CA ASP B 214 18.80 -22.98 28.80
C ASP B 214 18.30 -22.77 30.23
N MSE B 215 17.25 -23.50 30.61
CA MSE B 215 16.63 -23.32 31.92
C MSE B 215 17.51 -23.83 33.04
O MSE B 215 17.23 -23.55 34.21
CB MSE B 215 15.27 -24.02 31.93
CG MSE B 215 15.33 -25.53 31.95
SE MSE B 215 13.53 -26.20 32.26
CE MSE B 215 12.72 -26.71 30.55
N SER B 216 18.61 -24.52 32.71
CA SER B 216 19.51 -25.00 33.76
C SER B 216 20.34 -23.85 34.31
N HIS B 217 20.33 -22.70 33.63
N HIS B 217 20.36 -22.70 33.63
CA HIS B 217 21.09 -21.50 34.06
CA HIS B 217 21.15 -21.55 34.13
C HIS B 217 20.24 -20.67 35.03
C HIS B 217 20.25 -20.70 35.04
N ALA B 218 20.83 -20.21 36.14
CA ALA B 218 20.11 -19.39 37.15
C ALA B 218 19.44 -18.18 36.50
N GLY B 219 18.22 -17.87 36.93
CA GLY B 219 17.47 -16.70 36.41
C GLY B 219 16.77 -16.92 35.08
N GLU B 220 16.99 -18.06 34.41
CA GLU B 220 16.31 -18.27 33.10
C GLU B 220 14.89 -18.80 33.32
N PRO B 221 13.99 -18.60 32.33
CA PRO B 221 12.61 -19.08 32.43
C PRO B 221 12.52 -20.59 32.69
N GLY B 222 11.85 -20.97 33.79
CA GLY B 222 11.68 -22.38 34.15
C GLY B 222 12.78 -22.88 35.07
N ASN B 223 13.77 -22.03 35.37
CA ASN B 223 14.88 -22.48 36.23
C ASN B 223 14.35 -22.98 37.59
N ALA B 224 13.33 -22.30 38.15
CA ALA B 224 12.81 -22.74 39.48
C ALA B 224 12.31 -24.19 39.39
N LEU B 225 11.50 -24.50 38.38
CA LEU B 225 10.98 -25.89 38.21
C LEU B 225 12.13 -26.83 37.84
N PHE B 226 13.07 -26.36 37.02
CA PHE B 226 14.21 -27.24 36.65
C PHE B 226 14.97 -27.72 37.89
N GLU B 227 15.31 -26.79 38.78
CA GLU B 227 16.09 -27.13 40.01
C GLU B 227 15.29 -28.08 40.89
N ASP B 228 13.97 -27.90 40.96
CA ASP B 228 13.17 -28.85 41.77
C ASP B 228 13.31 -30.25 41.14
N ALA B 229 13.11 -30.33 39.82
CA ALA B 229 13.15 -31.63 39.11
C ALA B 229 14.54 -32.28 39.25
N ARG B 230 15.62 -31.51 39.07
CA ARG B 230 16.99 -32.08 39.16
C ARG B 230 17.24 -32.60 40.58
N GLN B 231 16.85 -31.83 41.59
CA GLN B 231 17.06 -32.29 42.98
C GLN B 231 16.33 -33.62 43.20
N HIS B 232 15.04 -33.72 42.81
CA HIS B 232 14.29 -34.97 43.05
C HIS B 232 14.82 -36.12 42.18
N LEU B 233 15.30 -35.83 40.97
CA LEU B 233 15.89 -36.90 40.13
C LEU B 233 17.14 -37.47 40.82
N ARG B 234 18.02 -36.59 41.32
CA ARG B 234 19.24 -37.05 42.02
C ARG B 234 18.84 -37.86 43.26
N GLN B 235 17.81 -37.39 43.97
CA GLN B 235 17.37 -38.04 45.23
C GLN B 235 16.69 -39.38 44.95
N MSE B 236 16.17 -39.57 43.73
CA MSE B 236 15.65 -40.87 43.37
C MSE B 236 16.85 -41.81 43.32
O MSE B 236 17.96 -41.36 43.00
CB MSE B 236 14.95 -40.86 42.00
CG MSE B 236 13.55 -40.29 41.99
SE MSE B 236 12.72 -40.50 40.21
CE MSE B 236 11.37 -41.92 40.36
N GLY B 237 16.69 -43.07 43.65
CA GLY B 237 17.84 -43.96 43.61
C GLY B 237 18.17 -44.32 42.15
N PRO B 238 18.73 -45.51 41.90
CA PRO B 238 18.93 -45.96 40.53
C PRO B 238 17.53 -46.13 39.93
N GLN B 239 16.48 -46.07 40.77
CA GLN B 239 15.07 -46.21 40.32
C GLN B 239 14.74 -45.10 39.31
N SER B 240 15.59 -44.07 39.22
CA SER B 240 15.39 -43.01 38.20
C SER B 240 15.66 -43.63 36.82
N GLY B 241 16.54 -44.65 36.80
CA GLY B 241 16.96 -45.32 35.55
C GLY B 241 17.87 -44.43 34.72
N LEU B 242 18.29 -43.29 35.28
CA LEU B 242 19.17 -42.33 34.55
C LEU B 242 20.54 -42.96 34.34
N ARG B 243 21.10 -42.80 33.14
CA ARG B 243 22.41 -43.42 32.81
C ARG B 243 23.47 -42.35 32.52
N SER B 244 23.13 -41.05 32.64
CA SER B 244 24.16 -40.02 32.32
C SER B 244 23.76 -38.65 32.85
N ALA B 245 24.76 -37.76 32.95
CA ALA B 245 24.50 -36.38 33.41
C ALA B 245 23.57 -35.71 32.41
N GLN B 246 23.73 -36.04 31.12
CA GLN B 246 22.88 -35.44 30.07
C GLN B 246 21.43 -35.92 30.22
N GLU B 247 21.24 -37.23 30.47
CA GLU B 247 19.88 -37.82 30.64
C GLU B 247 19.21 -37.14 31.84
N LEU B 248 19.97 -36.88 32.90
CA LEU B 248 19.44 -36.17 34.11
C LEU B 248 18.94 -34.77 33.72
N ASP B 249 19.74 -34.01 32.97
CA ASP B 249 19.34 -32.62 32.58
C ASP B 249 18.15 -32.69 31.60
N ASN B 250 18.21 -33.59 30.62
CA ASN B 250 17.08 -33.75 29.66
C ASN B 250 15.79 -34.10 30.42
N THR B 251 15.86 -35.04 31.35
CA THR B 251 14.65 -35.48 32.10
C THR B 251 14.14 -34.32 32.97
N ALA B 252 15.04 -33.64 33.69
CA ALA B 252 14.62 -32.50 34.54
C ALA B 252 13.95 -31.44 33.65
N GLY B 253 14.48 -31.24 32.44
CA GLY B 253 13.92 -30.27 31.49
C GLY B 253 12.53 -30.67 31.04
N ALA B 254 12.36 -31.94 30.66
CA ALA B 254 11.03 -32.44 30.22
C ALA B 254 10.03 -32.37 31.38
N LEU B 255 10.50 -32.68 32.59
CA LEU B 255 9.60 -32.62 33.77
C LEU B 255 9.17 -31.17 34.07
N ALA B 256 10.11 -30.23 34.01
CA ALA B 256 9.75 -28.81 34.30
C ALA B 256 8.75 -28.34 33.24
N LEU B 257 8.93 -28.77 32.00
CA LEU B 257 8.02 -28.38 30.89
C LEU B 257 6.63 -28.97 31.14
N GLY B 258 6.58 -30.26 31.51
CA GLY B 258 5.29 -30.91 31.78
C GLY B 258 4.61 -30.25 32.95
N ALA B 259 5.39 -29.97 34.00
CA ALA B 259 4.87 -29.32 35.22
C ALA B 259 4.32 -27.93 34.88
N GLN B 260 5.08 -27.14 34.11
CA GLN B 260 4.67 -25.76 33.74
C GLN B 260 3.33 -25.80 33.00
N LYS B 261 3.20 -26.69 32.03
CA LYS B 261 1.97 -26.80 31.21
C LYS B 261 0.77 -27.28 32.05
N ALA B 262 1.02 -28.08 33.09
CA ALA B 262 -0.06 -28.64 33.93
C ALA B 262 -0.42 -27.68 35.07
N GLY B 263 0.17 -26.49 35.09
CA GLY B 263 -0.15 -25.49 36.12
C GLY B 263 0.58 -25.72 37.45
N LEU B 264 1.67 -26.50 37.45
CA LEU B 264 2.44 -26.68 38.71
C LEU B 264 3.43 -25.50 38.83
N SER B 265 3.57 -24.93 40.03
CA SER B 265 4.54 -23.85 40.29
C SER B 265 5.77 -24.48 40.97
N ARG B 266 5.59 -25.70 41.50
CA ARG B 266 6.68 -26.42 42.19
C ARG B 266 6.57 -27.91 41.91
N ILE B 267 7.69 -28.61 42.04
CA ILE B 267 7.69 -30.10 42.01
C ILE B 267 8.15 -30.51 43.41
N ASP B 268 7.22 -30.99 44.24
CA ASP B 268 7.53 -31.43 45.63
C ASP B 268 7.94 -32.90 45.65
N HIS B 269 7.46 -33.70 44.69
CA HIS B 269 7.81 -35.15 44.66
C HIS B 269 7.87 -35.68 43.23
N LEU B 270 8.69 -36.72 43.02
CA LEU B 270 8.76 -37.44 41.74
C LEU B 270 8.40 -38.91 42.02
N LEU B 271 7.48 -39.48 41.23
CA LEU B 271 7.05 -40.89 41.43
C LEU B 271 7.21 -41.69 40.13
N ALA B 272 7.69 -42.93 40.24
CA ALA B 272 7.80 -43.83 39.07
C ALA B 272 6.50 -44.64 38.95
N GLY B 273 5.95 -44.77 37.75
CA GLY B 273 4.70 -45.54 37.56
C GLY B 273 4.72 -46.34 36.28
N ASN B 274 3.86 -47.37 36.20
CA ASN B 274 3.74 -48.24 35.00
C ASN B 274 5.02 -49.05 34.80
N ASP B 275 5.53 -49.65 35.88
CA ASP B 275 6.77 -50.49 35.85
C ASP B 275 7.94 -49.64 35.34
N GLY B 276 8.05 -48.40 35.84
CA GLY B 276 9.15 -47.48 35.47
C GLY B 276 9.06 -47.00 34.03
N ARG B 277 7.85 -46.90 33.47
CA ARG B 277 7.67 -46.39 32.07
C ARG B 277 7.31 -44.90 32.11
N THR B 278 6.72 -44.44 33.22
CA THR B 278 6.27 -43.03 33.35
C THR B 278 6.80 -42.43 34.66
N LEU B 279 7.13 -41.13 34.63
CA LEU B 279 7.57 -40.35 35.82
C LEU B 279 6.48 -39.31 36.10
N PHE B 280 6.05 -39.22 37.36
CA PHE B 280 5.01 -38.24 37.72
C PHE B 280 5.62 -37.15 38.60
N ALA B 281 5.39 -35.90 38.21
CA ALA B 281 5.81 -34.74 39.02
C ALA B 281 4.59 -34.36 39.87
N VAL B 282 4.79 -34.19 41.18
CA VAL B 282 3.67 -33.90 42.11
C VAL B 282 3.91 -32.58 42.86
N GLN B 283 2.85 -31.77 42.98
CA GLN B 283 2.92 -30.56 43.82
C GLN B 283 1.91 -30.79 44.96
N GLY B 284 2.33 -30.60 46.21
CA GLY B 284 1.48 -30.86 47.37
C GLY B 284 1.71 -32.26 47.93
N ALA B 285 1.20 -32.53 49.12
CA ALA B 285 1.34 -33.86 49.77
C ALA B 285 0.50 -34.88 49.00
N LEU B 286 0.91 -36.16 49.01
CA LEU B 286 0.20 -37.24 48.28
C LEU B 286 -1.23 -37.41 48.81
N GLY B 287 -1.48 -37.03 50.07
CA GLY B 287 -2.83 -37.17 50.66
C GLY B 287 -3.69 -35.93 50.49
N ASP B 288 -3.14 -34.89 49.84
CA ASP B 288 -3.87 -33.61 49.64
C ASP B 288 -4.79 -33.74 48.43
N PRO B 289 -6.12 -33.56 48.58
CA PRO B 289 -7.03 -33.65 47.44
C PRO B 289 -6.81 -32.54 46.40
N ALA B 290 -6.04 -31.48 46.74
CA ALA B 290 -5.73 -30.41 45.76
C ALA B 290 -4.37 -30.65 45.10
N MSE B 291 -3.77 -31.83 45.34
CA MSE B 291 -2.47 -32.12 44.76
C MSE B 291 -2.56 -32.07 43.23
O MSE B 291 -3.54 -32.55 42.65
CB MSE B 291 -1.97 -33.50 45.21
CG MSE B 291 -1.02 -34.14 44.23
SE MSE B 291 -0.98 -36.07 44.50
CE MSE B 291 -2.65 -36.82 43.78
N LEU B 292 -1.54 -31.46 42.61
CA LEU B 292 -1.45 -31.33 41.17
C LEU B 292 -0.45 -32.36 40.62
N ARG B 293 -0.69 -32.80 39.39
CA ARG B 293 0.14 -33.87 38.78
C ARG B 293 0.50 -33.53 37.33
N ALA B 294 1.68 -33.99 36.91
CA ALA B 294 2.18 -33.88 35.54
C ALA B 294 3.00 -35.15 35.28
N SER B 295 3.02 -35.63 34.04
CA SER B 295 3.77 -36.87 33.76
C SER B 295 4.51 -36.75 32.44
N VAL B 296 5.54 -37.57 32.29
CA VAL B 296 6.36 -37.66 31.05
C VAL B 296 6.68 -39.14 30.84
N ASP B 297 6.87 -39.54 29.58
CA ASP B 297 7.35 -40.90 29.27
C ASP B 297 8.85 -40.86 29.61
N ARG B 298 9.29 -41.69 30.55
CA ARG B 298 10.66 -41.68 31.13
C ARG B 298 11.76 -41.79 30.06
N GLU B 299 11.72 -42.80 29.20
CA GLU B 299 12.78 -42.97 28.17
C GLU B 299 12.81 -41.76 27.22
N GLN B 300 11.64 -41.27 26.79
CA GLN B 300 11.59 -40.10 25.88
C GLN B 300 12.20 -38.86 26.57
N ALA B 301 11.82 -38.62 27.83
CA ALA B 301 12.39 -37.46 28.58
C ALA B 301 13.92 -37.55 28.65
N SER B 302 14.47 -38.76 28.77
CA SER B 302 15.94 -38.92 28.93
C SER B 302 16.69 -38.40 27.70
N GLN B 303 16.00 -38.31 26.55
CA GLN B 303 16.67 -37.90 25.29
C GLN B 303 16.03 -36.63 24.72
N GLN B 304 15.11 -35.99 25.47
CA GLN B 304 14.44 -34.75 25.01
C GLN B 304 15.39 -33.56 25.18
N SER B 305 15.70 -32.85 24.09
CA SER B 305 16.65 -31.71 24.10
C SER B 305 16.30 -30.68 25.19
N LEU B 306 17.27 -30.36 26.06
CA LEU B 306 17.09 -29.32 27.11
C LEU B 306 16.90 -27.97 26.41
N ALA B 307 17.63 -27.73 25.31
CA ALA B 307 17.46 -26.46 24.58
C ALA B 307 16.00 -26.40 24.09
N GLN B 308 15.47 -27.50 23.57
CA GLN B 308 14.08 -27.54 23.04
C GLN B 308 13.06 -27.38 24.19
N SER B 309 13.23 -28.15 25.27
CA SER B 309 12.32 -28.02 26.42
C SER B 309 12.33 -26.57 26.93
N SER B 310 13.52 -25.96 26.99
CA SER B 310 13.71 -24.58 27.49
C SER B 310 12.98 -23.58 26.59
N GLN B 311 13.06 -23.77 25.26
CA GLN B 311 12.40 -22.79 24.35
C GLN B 311 10.88 -23.00 24.48
N GLN B 312 10.43 -24.26 24.52
CA GLN B 312 8.97 -24.56 24.64
C GLN B 312 8.41 -23.98 25.94
N LEU B 313 9.13 -24.15 27.05
CA LEU B 313 8.67 -23.63 28.36
C LEU B 313 8.59 -22.10 28.30
N ALA B 314 9.66 -21.44 27.81
CA ALA B 314 9.68 -19.95 27.73
C ALA B 314 8.47 -19.47 26.91
N ALA B 315 8.13 -20.19 25.84
CA ALA B 315 6.99 -19.84 24.95
C ALA B 315 5.67 -20.03 25.70
N SER B 316 5.55 -21.10 26.49
CA SER B 316 4.32 -21.37 27.29
C SER B 316 4.13 -20.26 28.33
N VAL B 317 5.19 -19.94 29.06
CA VAL B 317 5.18 -18.87 30.10
C VAL B 317 4.81 -17.52 29.44
N ALA B 318 5.42 -17.22 28.29
CA ALA B 318 5.20 -15.94 27.57
C ALA B 318 3.78 -15.87 26.97
N GLN B 319 3.28 -16.96 26.40
CA GLN B 319 1.93 -16.96 25.77
C GLN B 319 0.88 -17.16 26.88
S SO4 C . -0.67 16.37 -8.84
O1 SO4 C . -1.97 16.02 -9.33
O2 SO4 C . -0.15 15.30 -8.02
O3 SO4 C . 0.22 16.60 -9.95
O4 SO4 C . -0.77 17.56 -8.04
S SO4 D . 13.97 30.19 2.37
O1 SO4 D . 13.11 29.07 2.10
O2 SO4 D . 14.98 29.81 3.32
O3 SO4 D . 14.60 30.61 1.14
O4 SO4 D . 13.20 31.29 2.90
S SO4 E . -1.16 -20.52 9.33
O1 SO4 E . -2.57 -20.79 9.19
O2 SO4 E . -0.61 -21.38 10.35
O3 SO4 E . -0.49 -20.77 8.08
O4 SO4 E . -0.98 -19.15 9.72
S SO4 F . 0.73 -18.47 -5.89
O1 SO4 F . -0.19 -18.26 -4.80
O2 SO4 F . 1.34 -19.77 -5.76
O3 SO4 F . 0.01 -18.41 -7.14
O4 SO4 F . 1.74 -17.46 -5.88
S SO4 G . -5.11 -24.15 -3.68
O1 SO4 G . -5.95 -25.28 -3.94
O2 SO4 G . -5.14 -23.83 -2.28
O3 SO4 G . -5.59 -23.02 -4.43
O4 SO4 G . -3.76 -24.45 -4.07
S SO4 H . 5.65 -20.63 7.64
O1 SO4 H . 4.40 -20.81 6.98
O2 SO4 H . 5.58 -21.17 8.98
O3 SO4 H . 6.69 -21.31 6.91
O4 SO4 H . 5.96 -19.23 7.72
#